data_6DEH
#
_entry.id   6DEH
#
_cell.length_a   67.704
_cell.length_b   84.064
_cell.length_c   128.300
_cell.angle_alpha   90.00
_cell.angle_beta   90.00
_cell.angle_gamma   90.00
#
_symmetry.space_group_name_H-M   'P 21 21 21'
#
loop_
_entity.id
_entity.type
_entity.pdbx_description
1 polymer 'TPR repeat protein, protein-protein interaction'
2 non-polymer 'NICKEL (II) ION'
3 non-polymer GLYCEROL
4 non-polymer DI(HYDROXYETHYL)ETHER
5 water water
#
_entity_poly.entity_id   1
_entity_poly.type   'polypeptide(L)'
_entity_poly.pdbx_seq_one_letter_code
;MHHHHHHSSGVDLGTENLYFQSNAEKTEQLLLASANQGNVDAQVLLAGFYWYLNTPEGYKKAFEWYQKAADQNNADGQYG
LGYMYDTGTGVPQNSDTAMVWYKKAAEQGNSNAALAIGYNYDTGTGVKKDKTQALNWYAKAADLGNASAQYNLGLMYEQG
DGVPKDYQKAAEYFEKAANQGHAKSQLELGYLYDSGKLGKSDLQKAAFWYQKSADLGNANAQFNLADMYFYGDGVGKSLE
QSVYWMQKAAEQGYGKAQNQLGIYYRDGIGVAADPVKAYAWFTAAKNNGFEKAASNASDLEKSMNPEDLSKARILGQQYT
DNYKAKK
;
_entity_poly.pdbx_strand_id   A,B
#
# COMPACT_ATOMS: atom_id res chain seq x y z
N MET A 1 -13.10 1.76 39.43
CA MET A 1 -12.00 1.52 40.39
C MET A 1 -10.65 1.32 39.70
N HIS A 2 -10.75 1.15 38.40
CA HIS A 2 -9.62 1.03 37.46
C HIS A 2 -10.12 1.27 36.04
N HIS A 3 -11.43 1.40 35.87
CA HIS A 3 -11.93 1.66 34.52
C HIS A 3 -11.77 3.11 34.07
N HIS A 4 -11.21 3.97 34.92
CA HIS A 4 -10.72 5.27 34.48
C HIS A 4 -9.59 5.16 33.47
N HIS A 5 -8.99 3.99 33.29
CA HIS A 5 -7.97 3.81 32.27
C HIS A 5 -8.55 3.41 30.92
N HIS A 6 -9.88 3.40 30.79
CA HIS A 6 -10.52 2.99 29.52
C HIS A 6 -10.90 4.14 28.60
N HIS A 7 -10.66 5.40 28.99
CA HIS A 7 -10.94 6.53 28.12
C HIS A 7 -10.25 6.37 26.77
N SER A 8 -10.88 6.84 25.69
CA SER A 8 -10.21 6.78 24.39
C SER A 8 -8.98 7.72 24.34
N SER A 9 -8.12 7.49 23.36
CA SER A 9 -6.87 8.24 23.26
C SER A 9 -6.50 8.44 21.79
N GLY A 10 -6.07 9.67 21.45
CA GLY A 10 -5.76 10.15 20.10
C GLY A 10 -5.24 9.12 19.11
N VAL A 11 -5.90 9.04 17.94
CA VAL A 11 -5.69 8.03 16.90
C VAL A 11 -7.01 7.29 16.71
N ASP A 12 -7.51 6.68 17.79
CA ASP A 12 -8.91 6.28 17.89
C ASP A 12 -9.75 7.34 18.62
N LEU A 13 -9.35 8.62 18.52
CA LEU A 13 -10.08 9.71 19.13
C LEU A 13 -9.85 10.97 18.31
N GLY A 14 -10.93 11.57 17.80
CA GLY A 14 -10.85 12.86 17.12
C GLY A 14 -11.85 13.11 16.01
N THR A 15 -12.39 14.34 15.97
CA THR A 15 -13.38 14.78 14.98
C THR A 15 -12.99 14.34 13.57
N GLU A 16 -14.00 13.91 12.80
CA GLU A 16 -13.79 13.30 11.49
C GLU A 16 -14.17 14.25 10.36
N ASN A 17 -13.29 14.38 9.37
CA ASN A 17 -13.57 15.22 8.20
C ASN A 17 -13.60 14.37 6.94
N LEU A 18 -13.43 15.02 5.78
CA LEU A 18 -13.50 14.31 4.51
C LEU A 18 -12.45 13.22 4.40
N TYR A 19 -11.34 13.34 5.14
CA TYR A 19 -10.27 12.34 5.05
C TYR A 19 -10.77 10.94 5.37
N PHE A 20 -11.80 10.83 6.22
CA PHE A 20 -12.33 9.53 6.66
C PHE A 20 -13.39 8.96 5.72
N GLN A 21 -13.76 9.66 4.65
CA GLN A 21 -14.77 9.13 3.72
C GLN A 21 -14.07 8.33 2.62
N SER A 22 -14.86 7.55 1.88
CA SER A 22 -14.31 6.81 0.76
C SER A 22 -15.26 6.93 -0.43
N ASN A 23 -14.68 7.00 -1.63
CA ASN A 23 -15.44 7.10 -2.87
C ASN A 23 -15.85 5.74 -3.44
N ALA A 24 -15.45 4.65 -2.78
CA ALA A 24 -15.66 3.31 -3.33
C ALA A 24 -17.13 3.05 -3.62
N GLU A 25 -17.99 3.23 -2.61
CA GLU A 25 -19.39 2.85 -2.78
C GLU A 25 -20.02 3.67 -3.89
N LYS A 26 -19.65 4.96 -3.95
CA LYS A 26 -20.18 5.84 -4.99
C LYS A 26 -19.68 5.42 -6.37
N THR A 27 -18.40 5.05 -6.49
CA THR A 27 -17.94 4.64 -7.81
C THR A 27 -18.60 3.32 -8.23
N GLU A 28 -18.81 2.40 -7.29
CA GLU A 28 -19.51 1.17 -7.66
C GLU A 28 -20.92 1.47 -8.13
N GLN A 29 -21.66 2.35 -7.43
CA GLN A 29 -23.04 2.61 -7.85
C GLN A 29 -23.07 3.34 -9.19
N LEU A 30 -22.17 4.29 -9.40
CA LEU A 30 -22.12 4.92 -10.72
C LEU A 30 -21.87 3.87 -11.80
N LEU A 31 -20.93 2.94 -11.58
CA LEU A 31 -20.65 1.96 -12.64
C LEU A 31 -21.81 0.98 -12.79
N LEU A 32 -22.35 0.50 -11.68
CA LEU A 32 -23.47 -0.44 -11.73
C LEU A 32 -24.65 0.14 -12.49
N ALA A 33 -24.92 1.43 -12.32
CA ALA A 33 -26.08 2.03 -12.97
C ALA A 33 -26.01 1.85 -14.48
N SER A 34 -24.84 2.10 -15.04
CA SER A 34 -24.63 2.00 -16.48
C SER A 34 -24.48 0.54 -16.93
N ALA A 35 -23.77 -0.27 -16.15
CA ALA A 35 -23.59 -1.67 -16.52
C ALA A 35 -24.92 -2.43 -16.58
N ASN A 36 -25.82 -2.14 -15.62
CA ASN A 36 -27.14 -2.76 -15.60
C ASN A 36 -28.04 -2.29 -16.72
N GLN A 37 -27.69 -1.21 -17.43
CA GLN A 37 -28.38 -0.81 -18.65
C GLN A 37 -27.73 -1.36 -19.91
N GLY A 38 -26.78 -2.29 -19.78
CA GLY A 38 -26.15 -2.94 -20.92
C GLY A 38 -24.97 -2.24 -21.56
N ASN A 39 -24.46 -1.15 -20.98
CA ASN A 39 -23.34 -0.42 -21.58
C ASN A 39 -22.06 -1.22 -21.40
N VAL A 40 -21.47 -1.68 -22.50
CA VAL A 40 -20.34 -2.63 -22.45
C VAL A 40 -19.09 -1.99 -21.86
N ASP A 41 -18.84 -0.71 -22.16
CA ASP A 41 -17.69 -0.03 -21.55
C ASP A 41 -17.83 -0.01 -20.03
N ALA A 42 -19.03 0.25 -19.54
CA ALA A 42 -19.28 0.25 -18.11
C ALA A 42 -19.15 -1.16 -17.53
N GLN A 43 -19.53 -2.18 -18.30
CA GLN A 43 -19.39 -3.56 -17.81
C GLN A 43 -17.92 -3.91 -17.62
N VAL A 44 -17.08 -3.49 -18.57
CA VAL A 44 -15.64 -3.77 -18.47
C VAL A 44 -15.02 -2.98 -17.29
N LEU A 45 -15.38 -1.70 -17.16
CA LEU A 45 -14.90 -0.93 -16.01
C LEU A 45 -15.35 -1.54 -14.69
N LEU A 46 -16.62 -1.96 -14.60
CA LEU A 46 -17.13 -2.50 -13.36
C LEU A 46 -16.47 -3.82 -13.03
N ALA A 47 -16.23 -4.66 -14.05
CA ALA A 47 -15.50 -5.90 -13.80
C ALA A 47 -14.12 -5.61 -13.23
N GLY A 48 -13.42 -4.61 -13.78
CA GLY A 48 -12.11 -4.26 -13.23
C GLY A 48 -12.19 -3.70 -11.81
N PHE A 49 -13.22 -2.90 -11.53
CA PHE A 49 -13.45 -2.44 -10.16
C PHE A 49 -13.57 -3.61 -9.21
N TYR A 50 -14.37 -4.61 -9.59
CA TYR A 50 -14.54 -5.75 -8.71
C TYR A 50 -13.24 -6.54 -8.61
N TRP A 51 -12.52 -6.60 -9.69
CA TRP A 51 -11.28 -7.30 -9.73
C TRP A 51 -10.38 -6.77 -8.68
N TYR A 52 -10.30 -5.47 -8.59
CA TYR A 52 -9.46 -4.83 -7.61
C TYR A 52 -9.76 -4.94 -6.13
N LEU A 53 -10.84 -5.57 -5.73
CA LEU A 53 -11.17 -5.76 -4.36
C LEU A 53 -10.38 -6.90 -3.73
N ASN A 54 -9.87 -7.79 -4.56
CA ASN A 54 -9.11 -8.92 -4.13
C ASN A 54 -9.80 -9.78 -3.08
N THR A 55 -11.05 -10.08 -3.32
CA THR A 55 -11.81 -10.96 -2.46
C THR A 55 -12.48 -12.03 -3.30
N PRO A 56 -12.75 -13.19 -2.74
CA PRO A 56 -13.43 -14.22 -3.53
C PRO A 56 -14.75 -13.75 -4.10
N GLU A 57 -15.50 -12.96 -3.33
CA GLU A 57 -16.76 -12.44 -3.83
C GLU A 57 -16.52 -11.41 -4.93
N GLY A 58 -15.46 -10.62 -4.78
CA GLY A 58 -15.07 -9.70 -5.83
C GLY A 58 -14.75 -10.40 -7.13
N TYR A 59 -14.01 -11.51 -7.06
CA TYR A 59 -13.66 -12.18 -8.31
C TYR A 59 -14.87 -12.85 -8.95
N LYS A 60 -15.82 -13.33 -8.14
CA LYS A 60 -17.03 -13.88 -8.72
C LYS A 60 -17.84 -12.82 -9.48
N LYS A 61 -17.93 -11.60 -8.93
CA LYS A 61 -18.64 -10.55 -9.67
C LYS A 61 -17.85 -10.07 -10.88
N ALA A 62 -16.52 -9.99 -10.74
CA ALA A 62 -15.71 -9.67 -11.92
C ALA A 62 -16.03 -10.64 -13.05
N PHE A 63 -16.11 -11.92 -12.72
CA PHE A 63 -16.39 -12.92 -13.75
C PHE A 63 -17.75 -12.67 -14.38
N GLU A 64 -18.77 -12.40 -13.55
CA GLU A 64 -20.09 -12.14 -14.12
C GLU A 64 -20.06 -10.98 -15.12
N TRP A 65 -19.31 -9.93 -14.82
CA TRP A 65 -19.39 -8.79 -15.72
C TRP A 65 -18.47 -8.92 -16.94
N TYR A 66 -17.31 -9.56 -16.80
CA TYR A 66 -16.55 -9.87 -18.00
C TYR A 66 -17.38 -10.76 -18.92
N GLN A 67 -18.15 -11.68 -18.35
CA GLN A 67 -19.00 -12.53 -19.18
C GLN A 67 -20.01 -11.70 -19.97
N LYS A 68 -20.77 -10.80 -19.29
CA LYS A 68 -21.71 -9.92 -20.03
C LYS A 68 -21.01 -9.16 -21.17
N ALA A 69 -19.84 -8.59 -20.87
CA ALA A 69 -19.09 -7.88 -21.91
C ALA A 69 -18.66 -8.82 -23.03
N ALA A 70 -18.14 -9.98 -22.67
CA ALA A 70 -17.71 -10.92 -23.72
C ALA A 70 -18.90 -11.37 -24.58
N ASP A 71 -20.09 -11.48 -23.99
CA ASP A 71 -21.26 -11.83 -24.77
C ASP A 71 -21.65 -10.73 -25.74
N GLN A 72 -21.22 -9.48 -25.52
CA GLN A 72 -21.36 -8.47 -26.55
C GLN A 72 -20.18 -8.45 -27.53
N ASN A 73 -19.36 -9.50 -27.54
CA ASN A 73 -18.20 -9.57 -28.44
C ASN A 73 -17.12 -8.54 -28.09
N ASN A 74 -17.02 -8.13 -26.84
CA ASN A 74 -16.03 -7.14 -26.47
C ASN A 74 -14.73 -7.85 -26.13
N ALA A 75 -13.63 -7.42 -26.76
CA ALA A 75 -12.37 -8.15 -26.64
C ALA A 75 -11.76 -8.03 -25.25
N ASP A 76 -11.96 -6.89 -24.56
CA ASP A 76 -11.56 -6.81 -23.16
C ASP A 76 -12.30 -7.82 -22.28
N GLY A 77 -13.63 -7.99 -22.49
CA GLY A 77 -14.37 -9.00 -21.74
C GLY A 77 -13.88 -10.41 -22.04
N GLN A 78 -13.60 -10.69 -23.31
CA GLN A 78 -13.09 -12.00 -23.73
C GLN A 78 -11.73 -12.29 -23.12
N TYR A 79 -10.85 -11.29 -23.13
CA TYR A 79 -9.55 -11.48 -22.48
C TYR A 79 -9.74 -11.75 -20.99
N GLY A 80 -10.62 -10.97 -20.33
CA GLY A 80 -10.87 -11.17 -18.90
C GLY A 80 -11.34 -12.57 -18.61
N LEU A 81 -12.30 -13.06 -19.38
CA LEU A 81 -12.73 -14.45 -19.19
C LEU A 81 -11.58 -15.41 -19.42
N GLY A 82 -10.80 -15.18 -20.46
CA GLY A 82 -9.68 -16.07 -20.73
C GLY A 82 -8.75 -16.17 -19.54
N TYR A 83 -8.41 -15.02 -18.97
CA TYR A 83 -7.48 -15.02 -17.85
C TYR A 83 -8.09 -15.68 -16.63
N MET A 84 -9.39 -15.48 -16.38
CA MET A 84 -9.99 -16.04 -15.18
C MET A 84 -10.07 -17.56 -15.27
N TYR A 85 -10.49 -18.09 -16.42
CA TYR A 85 -10.44 -19.53 -16.65
C TYR A 85 -9.03 -20.07 -16.59
N ASP A 86 -8.08 -19.33 -17.19
CA ASP A 86 -6.73 -19.86 -17.27
C ASP A 86 -6.13 -20.01 -15.89
N THR A 87 -6.48 -19.12 -14.97
CA THR A 87 -5.88 -19.13 -13.64
C THR A 87 -6.79 -19.71 -12.56
N GLY A 88 -8.02 -20.07 -12.89
CA GLY A 88 -8.97 -20.47 -11.87
C GLY A 88 -9.35 -19.35 -10.91
N THR A 89 -9.49 -18.13 -11.42
CA THR A 89 -9.80 -16.97 -10.60
C THR A 89 -11.27 -16.69 -10.75
N GLY A 90 -12.01 -16.80 -9.65
CA GLY A 90 -13.45 -16.58 -9.68
C GLY A 90 -14.25 -17.64 -10.42
N VAL A 91 -13.64 -18.78 -10.74
CA VAL A 91 -14.24 -19.81 -11.58
C VAL A 91 -13.26 -20.97 -11.65
N PRO A 92 -13.70 -22.21 -11.88
CA PRO A 92 -12.75 -23.33 -11.85
C PRO A 92 -11.79 -23.23 -13.02
N GLN A 93 -10.52 -23.53 -12.73
CA GLN A 93 -9.48 -23.45 -13.75
C GLN A 93 -9.80 -24.37 -14.92
N ASN A 94 -9.70 -23.84 -16.14
CA ASN A 94 -9.83 -24.69 -17.33
C ASN A 94 -9.00 -24.11 -18.46
N SER A 95 -7.86 -24.74 -18.79
CA SER A 95 -6.97 -24.17 -19.79
C SER A 95 -7.60 -24.16 -21.19
N ASP A 96 -8.41 -25.16 -21.53
CA ASP A 96 -8.94 -25.23 -22.90
C ASP A 96 -10.01 -24.17 -23.14
N THR A 97 -10.91 -24.00 -22.16
CA THR A 97 -11.87 -22.90 -22.20
C THR A 97 -11.14 -21.56 -22.31
N ALA A 98 -10.12 -21.37 -21.46
CA ALA A 98 -9.32 -20.15 -21.53
C ALA A 98 -8.77 -19.90 -22.92
N MET A 99 -8.22 -20.95 -23.57
CA MET A 99 -7.62 -20.73 -24.87
C MET A 99 -8.65 -20.24 -25.88
N VAL A 100 -9.89 -20.76 -25.80
CA VAL A 100 -10.92 -20.32 -26.74
C VAL A 100 -11.17 -18.81 -26.58
N TRP A 101 -11.34 -18.37 -25.32
CA TRP A 101 -11.60 -16.94 -25.11
C TRP A 101 -10.39 -16.08 -25.53
N TYR A 102 -9.18 -16.50 -25.15
CA TYR A 102 -7.99 -15.78 -25.58
C TYR A 102 -7.94 -15.62 -27.10
N LYS A 103 -8.21 -16.70 -27.84
CA LYS A 103 -8.13 -16.62 -29.28
C LYS A 103 -9.15 -15.64 -29.84
N LYS A 104 -10.38 -15.63 -29.32
CA LYS A 104 -11.34 -14.61 -29.76
C LYS A 104 -10.78 -13.19 -29.54
N ALA A 105 -10.25 -12.94 -28.34
CA ALA A 105 -9.75 -11.62 -28.03
C ALA A 105 -8.57 -11.24 -28.92
N ALA A 106 -7.62 -12.15 -29.08
CA ALA A 106 -6.44 -11.85 -29.89
C ALA A 106 -6.82 -11.60 -31.33
N GLU A 107 -7.79 -12.36 -31.87
CA GLU A 107 -8.23 -12.09 -33.24
C GLU A 107 -8.78 -10.69 -33.34
N GLN A 108 -9.38 -10.18 -32.26
CA GLN A 108 -9.77 -8.77 -32.31
C GLN A 108 -8.63 -7.78 -32.05
N GLY A 109 -7.39 -8.24 -31.93
CA GLY A 109 -6.27 -7.33 -31.71
C GLY A 109 -5.95 -7.04 -30.25
N ASN A 110 -6.47 -7.81 -29.31
CA ASN A 110 -6.07 -7.66 -27.93
C ASN A 110 -4.67 -8.26 -27.76
N SER A 111 -3.65 -7.41 -27.54
CA SER A 111 -2.29 -7.98 -27.49
C SER A 111 -2.00 -8.79 -26.22
N ASN A 112 -2.65 -8.46 -25.07
CA ASN A 112 -2.42 -9.30 -23.88
C ASN A 112 -2.92 -10.72 -24.09
N ALA A 113 -3.98 -10.90 -24.88
CA ALA A 113 -4.48 -12.24 -25.16
C ALA A 113 -3.47 -13.04 -25.97
N ALA A 114 -2.90 -12.40 -27.01
CA ALA A 114 -1.87 -13.04 -27.81
C ALA A 114 -0.63 -13.37 -26.97
N LEU A 115 -0.27 -12.48 -26.06
CA LEU A 115 0.81 -12.71 -25.11
C LEU A 115 0.53 -13.92 -24.22
N ALA A 116 -0.69 -13.99 -23.68
CA ALA A 116 -1.00 -15.09 -22.79
C ALA A 116 -0.95 -16.42 -23.52
N ILE A 117 -1.45 -16.45 -24.77
CA ILE A 117 -1.40 -17.69 -25.55
C ILE A 117 0.04 -18.08 -25.80
N GLY A 118 0.84 -17.13 -26.25
CA GLY A 118 2.25 -17.41 -26.49
C GLY A 118 2.94 -17.94 -25.24
N TYR A 119 2.63 -17.36 -24.08
CA TYR A 119 3.25 -17.79 -22.84
C TYR A 119 2.86 -19.24 -22.52
N ASN A 120 1.61 -19.60 -22.75
CA ASN A 120 1.25 -20.98 -22.49
C ASN A 120 1.99 -21.93 -23.42
N TYR A 121 2.15 -21.58 -24.70
CA TYR A 121 2.96 -22.45 -25.56
C TYR A 121 4.43 -22.44 -25.14
N ASP A 122 4.94 -21.29 -24.70
CA ASP A 122 6.33 -21.14 -24.28
C ASP A 122 6.65 -22.09 -23.13
N THR A 123 5.74 -22.16 -22.15
CA THR A 123 5.96 -22.92 -20.92
C THR A 123 5.31 -24.29 -20.92
N GLY A 124 4.52 -24.61 -21.94
CA GLY A 124 3.68 -25.80 -21.90
C GLY A 124 2.73 -25.89 -20.72
N THR A 125 2.06 -24.80 -20.35
CA THR A 125 1.00 -24.88 -19.35
C THR A 125 -0.36 -24.92 -20.05
N GLY A 126 -1.06 -26.04 -19.90
CA GLY A 126 -2.34 -26.25 -20.54
C GLY A 126 -2.24 -26.84 -21.93
N VAL A 127 -1.19 -26.52 -22.67
CA VAL A 127 -0.94 -27.10 -23.99
C VAL A 127 0.48 -27.66 -24.01
N LYS A 128 0.77 -28.42 -25.06
CA LYS A 128 2.09 -29.01 -25.20
C LYS A 128 3.08 -27.91 -25.58
N LYS A 129 4.23 -27.89 -24.89
CA LYS A 129 5.27 -26.92 -25.18
C LYS A 129 5.56 -26.88 -26.67
N ASP A 130 5.62 -25.67 -27.24
CA ASP A 130 5.93 -25.52 -28.66
C ASP A 130 6.55 -24.13 -28.84
N LYS A 131 7.89 -24.07 -28.89
CA LYS A 131 8.56 -22.77 -28.96
C LYS A 131 8.25 -22.05 -30.27
N THR A 132 7.91 -22.77 -31.33
CA THR A 132 7.52 -22.10 -32.57
C THR A 132 6.22 -21.35 -32.40
N GLN A 133 5.24 -22.01 -31.80
CA GLN A 133 3.98 -21.33 -31.52
C GLN A 133 4.19 -20.16 -30.58
N ALA A 134 4.97 -20.37 -29.51
CA ALA A 134 5.28 -19.26 -28.61
C ALA A 134 5.86 -18.10 -29.39
N LEU A 135 6.81 -18.38 -30.27
CA LEU A 135 7.43 -17.31 -31.05
C LEU A 135 6.41 -16.56 -31.90
N ASN A 136 5.52 -17.29 -32.57
CA ASN A 136 4.55 -16.64 -33.45
C ASN A 136 3.57 -15.78 -32.67
N TRP A 137 3.06 -16.31 -31.56
CA TRP A 137 2.08 -15.56 -30.77
C TRP A 137 2.71 -14.34 -30.07
N TYR A 138 3.92 -14.52 -29.52
CA TYR A 138 4.65 -13.36 -29.00
C TYR A 138 4.86 -12.33 -30.09
N ALA A 139 5.22 -12.77 -31.31
CA ALA A 139 5.46 -11.80 -32.36
C ALA A 139 4.18 -11.06 -32.69
N LYS A 140 3.05 -11.75 -32.68
CA LYS A 140 1.78 -11.07 -32.90
C LYS A 140 1.60 -9.98 -31.85
N ALA A 141 1.76 -10.37 -30.58
CA ALA A 141 1.54 -9.42 -29.48
C ALA A 141 2.53 -8.24 -29.56
N ALA A 142 3.79 -8.51 -29.90
CA ALA A 142 4.81 -7.46 -30.01
C ALA A 142 4.50 -6.52 -31.17
N ASP A 143 4.01 -7.06 -32.28
CA ASP A 143 3.64 -6.19 -33.40
C ASP A 143 2.44 -5.31 -33.07
N LEU A 144 1.60 -5.74 -32.15
CA LEU A 144 0.55 -4.89 -31.65
C LEU A 144 1.06 -3.94 -30.59
N GLY A 145 2.36 -3.95 -30.29
CA GLY A 145 2.95 -3.00 -29.37
C GLY A 145 3.07 -3.44 -27.92
N ASN A 146 2.94 -4.73 -27.63
CA ASN A 146 2.94 -5.22 -26.25
C ASN A 146 4.37 -5.29 -25.73
N ALA A 147 4.66 -4.52 -24.67
CA ALA A 147 6.03 -4.46 -24.16
C ALA A 147 6.46 -5.76 -23.54
N SER A 148 5.54 -6.49 -22.87
CA SER A 148 5.97 -7.76 -22.28
C SER A 148 6.35 -8.74 -23.37
N ALA A 149 5.59 -8.77 -24.46
CA ALA A 149 5.92 -9.69 -25.54
C ALA A 149 7.26 -9.31 -26.19
N GLN A 150 7.50 -8.02 -26.38
CA GLN A 150 8.78 -7.55 -26.91
C GLN A 150 9.94 -8.02 -26.03
N TYR A 151 9.79 -7.81 -24.72
CA TYR A 151 10.74 -8.28 -23.72
C TYR A 151 10.97 -9.79 -23.83
N ASN A 152 9.87 -10.58 -23.89
CA ASN A 152 10.02 -12.03 -23.96
C ASN A 152 10.79 -12.46 -25.20
N LEU A 153 10.52 -11.82 -26.34
CA LEU A 153 11.28 -12.13 -27.55
C LEU A 153 12.74 -11.72 -27.42
N GLY A 154 12.99 -10.56 -26.82
CA GLY A 154 14.37 -10.22 -26.48
C GLY A 154 15.07 -11.33 -25.72
N LEU A 155 14.41 -11.83 -24.66
CA LEU A 155 15.00 -12.92 -23.89
C LEU A 155 15.27 -14.14 -24.76
N MET A 156 14.31 -14.48 -25.64
CA MET A 156 14.47 -15.70 -26.45
C MET A 156 15.62 -15.60 -27.44
N TYR A 157 15.76 -14.47 -28.13
CA TYR A 157 16.89 -14.30 -29.06
C TYR A 157 18.20 -14.13 -28.32
N GLU A 158 18.18 -13.54 -27.13
CA GLU A 158 19.41 -13.41 -26.38
C GLU A 158 19.88 -14.75 -25.82
N GLN A 159 18.95 -15.64 -25.48
CA GLN A 159 19.29 -16.98 -24.96
C GLN A 159 19.33 -18.06 -26.03
N GLY A 160 18.84 -17.79 -27.24
CA GLY A 160 18.80 -18.82 -28.26
C GLY A 160 17.76 -19.88 -27.95
N ASP A 161 16.67 -19.51 -27.29
CA ASP A 161 15.63 -20.43 -26.81
C ASP A 161 14.64 -20.66 -27.95
N GLY A 162 14.84 -21.72 -28.72
CA GLY A 162 13.93 -21.98 -29.82
C GLY A 162 14.20 -21.15 -31.05
N VAL A 163 15.16 -20.23 -30.98
CA VAL A 163 15.71 -19.53 -32.13
C VAL A 163 17.23 -19.57 -32.00
N PRO A 164 17.95 -19.33 -33.08
CA PRO A 164 19.40 -19.20 -32.94
C PRO A 164 19.69 -17.91 -32.19
N LYS A 165 20.61 -17.98 -31.25
CA LYS A 165 21.05 -16.79 -30.54
C LYS A 165 21.37 -15.65 -31.52
N ASP A 166 20.85 -14.45 -31.22
CA ASP A 166 21.11 -13.27 -32.05
C ASP A 166 20.99 -12.04 -31.13
N TYR A 167 22.13 -11.56 -30.62
CA TYR A 167 22.07 -10.43 -29.68
C TYR A 167 21.59 -9.16 -30.35
N GLN A 168 21.85 -8.97 -31.64
CA GLN A 168 21.34 -7.76 -32.28
C GLN A 168 19.81 -7.74 -32.33
N LYS A 169 19.20 -8.88 -32.69
CA LYS A 169 17.74 -8.94 -32.71
C LYS A 169 17.18 -8.78 -31.31
N ALA A 170 17.83 -9.41 -30.32
CA ALA A 170 17.42 -9.25 -28.92
C ALA A 170 17.43 -7.78 -28.54
N ALA A 171 18.51 -7.05 -28.85
CA ALA A 171 18.58 -5.63 -28.51
C ALA A 171 17.47 -4.83 -29.20
N GLU A 172 17.11 -5.19 -30.43
CA GLU A 172 16.02 -4.44 -31.07
C GLU A 172 14.69 -4.66 -30.36
N TYR A 173 14.38 -5.91 -29.98
CA TYR A 173 13.15 -6.16 -29.20
C TYR A 173 13.21 -5.46 -27.83
N PHE A 174 14.34 -5.60 -27.12
CA PHE A 174 14.41 -4.95 -25.82
C PHE A 174 14.20 -3.46 -25.95
N GLU A 175 14.77 -2.85 -27.01
CA GLU A 175 14.67 -1.40 -27.10
C GLU A 175 13.24 -0.98 -27.39
N LYS A 176 12.46 -1.78 -28.13
CA LYS A 176 11.05 -1.42 -28.27
C LYS A 176 10.37 -1.39 -26.91
N ALA A 177 10.65 -2.39 -26.07
CA ALA A 177 10.00 -2.38 -24.76
C ALA A 177 10.57 -1.28 -23.85
N ALA A 178 11.88 -1.05 -23.94
CA ALA A 178 12.55 -0.06 -23.12
C ALA A 178 12.00 1.32 -23.40
N ASN A 179 11.67 1.58 -24.68
CA ASN A 179 11.10 2.88 -25.05
C ASN A 179 9.69 3.09 -24.52
N GLN A 180 9.02 2.03 -24.10
CA GLN A 180 7.72 2.13 -23.46
C GLN A 180 7.81 2.13 -21.93
N GLY A 181 9.01 2.15 -21.37
CA GLY A 181 9.13 2.20 -19.93
C GLY A 181 9.20 0.85 -19.26
N HIS A 182 9.57 -0.19 -19.98
CA HIS A 182 9.64 -1.52 -19.39
C HIS A 182 10.97 -1.65 -18.66
N ALA A 183 10.96 -1.66 -17.32
CA ALA A 183 12.26 -1.51 -16.63
C ALA A 183 13.17 -2.73 -16.81
N LYS A 184 12.58 -3.94 -16.87
CA LYS A 184 13.47 -5.09 -17.04
C LYS A 184 14.09 -5.10 -18.45
N SER A 185 13.35 -4.66 -19.46
CA SER A 185 13.96 -4.57 -20.79
C SER A 185 15.08 -3.54 -20.81
N GLN A 186 14.88 -2.40 -20.15
CA GLN A 186 15.94 -1.39 -20.03
C GLN A 186 17.18 -1.98 -19.36
N LEU A 187 17.00 -2.76 -18.30
CA LEU A 187 18.09 -3.45 -17.64
C LEU A 187 18.80 -4.41 -18.60
N GLU A 188 18.04 -5.26 -19.31
CA GLU A 188 18.69 -6.21 -20.23
C GLU A 188 19.41 -5.50 -21.37
N LEU A 189 18.79 -4.45 -21.93
CA LEU A 189 19.43 -3.72 -23.02
C LEU A 189 20.70 -3.05 -22.52
N GLY A 190 20.64 -2.43 -21.33
CA GLY A 190 21.84 -1.87 -20.72
C GLY A 190 22.95 -2.91 -20.60
N TYR A 191 22.60 -4.11 -20.16
CA TYR A 191 23.59 -5.18 -20.05
C TYR A 191 24.16 -5.52 -21.42
N LEU A 192 23.32 -5.62 -22.45
CA LEU A 192 23.90 -5.94 -23.75
C LEU A 192 24.95 -4.92 -24.14
N TYR A 193 24.65 -3.63 -23.94
CA TYR A 193 25.66 -2.60 -24.29
C TYR A 193 26.90 -2.70 -23.41
N ASP A 194 26.70 -2.97 -22.12
CA ASP A 194 27.77 -3.12 -21.13
C ASP A 194 28.74 -4.22 -21.52
N SER A 195 28.21 -5.31 -22.09
CA SER A 195 28.93 -6.59 -22.25
C SER A 195 29.84 -6.59 -23.45
N GLY A 196 29.56 -5.81 -24.48
CA GLY A 196 30.30 -5.87 -25.75
C GLY A 196 29.76 -6.90 -26.72
N LYS A 197 28.74 -7.65 -26.33
CA LYS A 197 28.22 -8.71 -27.18
C LYS A 197 27.66 -8.18 -28.50
N LEU A 198 27.34 -6.89 -28.59
CA LEU A 198 26.84 -6.34 -29.84
C LEU A 198 27.96 -6.02 -30.82
N GLY A 199 29.20 -6.09 -30.36
CA GLY A 199 30.34 -5.83 -31.23
C GLY A 199 31.43 -5.08 -30.55
N LYS A 200 31.08 -4.03 -29.81
CA LYS A 200 32.04 -3.21 -29.07
C LYS A 200 31.25 -2.63 -27.92
N SER A 201 31.78 -2.70 -26.71
CA SER A 201 31.01 -2.21 -25.56
CA SER A 201 30.98 -2.21 -25.58
C SER A 201 30.63 -0.74 -25.78
N ASP A 202 29.45 -0.36 -25.26
CA ASP A 202 29.03 1.05 -25.35
C ASP A 202 28.63 1.42 -23.92
N LEU A 203 29.62 1.85 -23.13
CA LEU A 203 29.32 2.06 -21.71
C LEU A 203 28.40 3.27 -21.48
N GLN A 204 28.47 4.27 -22.36
CA GLN A 204 27.55 5.39 -22.23
CA GLN A 204 27.55 5.40 -22.24
C GLN A 204 26.10 4.94 -22.41
N LYS A 205 25.85 4.08 -23.41
CA LYS A 205 24.52 3.55 -23.57
C LYS A 205 24.13 2.65 -22.42
N ALA A 206 25.07 1.82 -21.93
CA ALA A 206 24.75 0.98 -20.78
C ALA A 206 24.30 1.83 -19.61
N ALA A 207 25.10 2.83 -19.24
CA ALA A 207 24.71 3.65 -18.09
C ALA A 207 23.40 4.37 -18.31
N PHE A 208 23.15 4.82 -19.53
CA PHE A 208 21.88 5.47 -19.87
C PHE A 208 20.69 4.59 -19.55
N TRP A 209 20.73 3.33 -20.03
CA TRP A 209 19.60 2.44 -19.82
C TRP A 209 19.54 1.90 -18.40
N TYR A 210 20.68 1.67 -17.76
CA TYR A 210 20.61 1.37 -16.33
C TYR A 210 19.98 2.51 -15.56
N GLN A 211 20.29 3.76 -15.91
CA GLN A 211 19.68 4.88 -15.17
C GLN A 211 18.17 4.91 -15.35
N LYS A 212 17.71 4.64 -16.56
CA LYS A 212 16.25 4.58 -16.79
C LYS A 212 15.60 3.51 -15.92
N SER A 213 16.19 2.32 -15.86
CA SER A 213 15.64 1.20 -15.11
C SER A 213 15.73 1.47 -13.60
N ALA A 214 16.82 2.12 -13.17
CA ALA A 214 16.99 2.49 -11.76
C ALA A 214 15.94 3.50 -11.31
N ASP A 215 15.64 4.48 -12.18
CA ASP A 215 14.58 5.46 -11.85
C ASP A 215 13.21 4.81 -11.74
N LEU A 216 13.00 3.69 -12.42
CA LEU A 216 11.76 2.92 -12.29
C LEU A 216 11.82 1.94 -11.15
N GLY A 217 12.90 1.92 -10.38
CA GLY A 217 12.92 1.16 -9.16
C GLY A 217 13.50 -0.22 -9.23
N ASN A 218 14.19 -0.57 -10.34
CA ASN A 218 14.71 -1.89 -10.50
C ASN A 218 16.01 -1.97 -9.70
N ALA A 219 16.05 -2.88 -8.72
CA ALA A 219 17.20 -2.93 -7.83
C ALA A 219 18.46 -3.41 -8.54
N ASN A 220 18.35 -4.33 -9.49
CA ASN A 220 19.57 -4.70 -10.22
C ASN A 220 20.13 -3.49 -10.94
N ALA A 221 19.27 -2.74 -11.63
CA ALA A 221 19.75 -1.57 -12.33
C ALA A 221 20.34 -0.54 -11.39
N GLN A 222 19.77 -0.38 -10.20
CA GLN A 222 20.38 0.54 -9.22
C GLN A 222 21.79 0.07 -8.82
N PHE A 223 21.96 -1.22 -8.56
CA PHE A 223 23.30 -1.73 -8.25
C PHE A 223 24.24 -1.46 -9.42
N ASN A 224 23.79 -1.78 -10.63
CA ASN A 224 24.65 -1.67 -11.80
C ASN A 224 25.07 -0.23 -12.00
N LEU A 225 24.11 0.69 -11.91
CA LEU A 225 24.41 2.11 -12.10
C LEU A 225 25.35 2.61 -11.01
N ALA A 226 25.09 2.24 -9.75
CA ALA A 226 26.03 2.60 -8.69
C ALA A 226 27.44 2.12 -9.05
N ASP A 227 27.53 0.90 -9.59
CA ASP A 227 28.84 0.37 -9.96
C ASP A 227 29.46 1.19 -11.10
N MET A 228 28.65 1.62 -12.08
CA MET A 228 29.15 2.46 -13.19
CA MET A 228 29.23 2.41 -13.15
C MET A 228 29.77 3.74 -12.64
N TYR A 229 29.09 4.34 -11.64
CA TYR A 229 29.63 5.56 -11.03
C TYR A 229 30.87 5.28 -10.22
N PHE A 230 31.01 4.08 -9.65
CA PHE A 230 32.25 3.78 -8.95
C PHE A 230 33.43 3.76 -9.92
N TYR A 231 33.23 3.13 -11.08
CA TYR A 231 34.33 2.94 -12.03
C TYR A 231 34.48 4.11 -12.99
N GLY A 232 33.50 4.99 -13.07
CA GLY A 232 33.49 5.91 -14.20
C GLY A 232 33.23 5.25 -15.54
N ASP A 233 32.38 4.23 -15.59
CA ASP A 233 31.97 3.59 -16.84
C ASP A 233 30.78 4.32 -17.47
N GLY A 234 31.02 5.04 -18.59
CA GLY A 234 29.95 5.74 -19.31
C GLY A 234 29.34 6.94 -18.61
N VAL A 235 29.78 7.20 -17.41
CA VAL A 235 29.48 8.40 -16.65
C VAL A 235 30.82 8.76 -16.05
N GLY A 236 30.96 10.04 -15.68
CA GLY A 236 32.11 10.44 -14.88
C GLY A 236 32.08 9.74 -13.52
N LYS A 237 33.24 9.32 -13.05
CA LYS A 237 33.32 8.69 -11.74
C LYS A 237 32.76 9.61 -10.65
N SER A 238 31.89 9.06 -9.79
CA SER A 238 31.36 9.85 -8.69
C SER A 238 31.10 8.90 -7.52
N LEU A 239 31.96 8.91 -6.50
CA LEU A 239 31.68 8.03 -5.37
C LEU A 239 30.39 8.41 -4.67
N GLU A 240 30.04 9.71 -4.67
CA GLU A 240 28.80 10.17 -4.05
C GLU A 240 27.56 9.61 -4.76
N GLN A 241 27.56 9.63 -6.09
CA GLN A 241 26.45 9.02 -6.80
C GLN A 241 26.43 7.51 -6.64
N SER A 242 27.61 6.87 -6.57
CA SER A 242 27.64 5.44 -6.33
C SER A 242 26.96 5.12 -4.98
N VAL A 243 27.29 5.86 -3.93
CA VAL A 243 26.63 5.61 -2.64
C VAL A 243 25.13 5.82 -2.74
N TYR A 244 24.70 6.86 -3.45
CA TYR A 244 23.27 7.15 -3.56
C TYR A 244 22.51 5.97 -4.16
N TRP A 245 23.01 5.46 -5.28
CA TRP A 245 22.29 4.36 -5.93
C TRP A 245 22.46 3.04 -5.19
N MET A 246 23.61 2.84 -4.57
CA MET A 246 23.81 1.62 -3.81
C MET A 246 22.85 1.56 -2.64
N GLN A 247 22.69 2.68 -1.95
CA GLN A 247 21.71 2.77 -0.85
C GLN A 247 20.30 2.49 -1.35
N LYS A 248 19.93 2.98 -2.56
CA LYS A 248 18.61 2.63 -3.08
C LYS A 248 18.45 1.11 -3.26
N ALA A 249 19.44 0.46 -3.88
CA ALA A 249 19.34 -0.98 -4.05
C ALA A 249 19.35 -1.70 -2.70
N ALA A 250 20.16 -1.23 -1.76
CA ALA A 250 20.26 -1.94 -0.48
C ALA A 250 18.95 -1.80 0.29
N GLU A 251 18.24 -0.70 0.12
CA GLU A 251 16.94 -0.53 0.79
C GLU A 251 15.82 -1.37 0.18
N GLN A 252 16.10 -2.12 -0.90
CA GLN A 252 15.16 -3.09 -1.41
C GLN A 252 15.52 -4.48 -0.98
N GLY A 253 16.47 -4.61 -0.05
CA GLY A 253 16.77 -5.91 0.46
C GLY A 253 17.62 -6.74 -0.43
N TYR A 254 18.34 -6.11 -1.36
CA TYR A 254 19.18 -6.82 -2.32
C TYR A 254 20.50 -7.14 -1.63
N GLY A 255 20.73 -8.41 -1.33
CA GLY A 255 21.87 -8.77 -0.48
C GLY A 255 23.20 -8.32 -1.07
N LYS A 256 23.38 -8.50 -2.39
CA LYS A 256 24.63 -8.07 -3.03
C LYS A 256 24.87 -6.59 -2.80
N ALA A 257 23.82 -5.76 -2.90
CA ALA A 257 23.99 -4.32 -2.71
C ALA A 257 24.21 -3.97 -1.23
N GLN A 258 23.53 -4.67 -0.32
CA GLN A 258 23.79 -4.45 1.10
C GLN A 258 25.23 -4.72 1.48
N ASN A 259 25.78 -5.84 0.99
CA ASN A 259 27.17 -6.14 1.25
C ASN A 259 28.08 -5.05 0.68
N GLN A 260 27.78 -4.61 -0.55
CA GLN A 260 28.64 -3.59 -1.18
C GLN A 260 28.58 -2.29 -0.40
N LEU A 261 27.39 -1.93 0.08
CA LEU A 261 27.25 -0.72 0.86
C LEU A 261 27.99 -0.85 2.19
N GLY A 262 27.99 -2.06 2.77
CA GLY A 262 28.80 -2.33 3.95
C GLY A 262 30.27 -2.08 3.70
N ILE A 263 30.74 -2.51 2.54
CA ILE A 263 32.13 -2.22 2.18
C ILE A 263 32.35 -0.72 2.08
N TYR A 264 31.42 0.01 1.45
CA TYR A 264 31.56 1.46 1.34
C TYR A 264 31.68 2.12 2.71
N TYR A 265 30.81 1.73 3.66
CA TYR A 265 30.90 2.30 5.00
C TYR A 265 32.16 1.85 5.75
N ARG A 266 32.59 0.60 5.53
CA ARG A 266 33.79 0.11 6.20
C ARG A 266 35.01 0.91 5.74
N ASP A 267 35.12 1.18 4.45
CA ASP A 267 36.33 1.73 3.87
C ASP A 267 36.22 3.20 3.54
N GLY A 268 35.10 3.84 3.88
CA GLY A 268 34.93 5.25 3.64
C GLY A 268 34.87 5.62 2.19
N ILE A 269 34.09 4.88 1.40
CA ILE A 269 33.98 5.11 -0.03
C ILE A 269 32.75 5.97 -0.28
N GLY A 270 32.95 7.23 -0.65
CA GLY A 270 31.87 8.16 -0.89
C GLY A 270 31.15 8.65 0.35
N VAL A 271 31.51 8.13 1.53
CA VAL A 271 30.92 8.47 2.81
C VAL A 271 32.05 8.41 3.81
N ALA A 272 31.86 9.07 4.96
CA ALA A 272 32.79 8.88 6.08
C ALA A 272 32.73 7.45 6.61
N ALA A 273 33.89 6.85 6.88
CA ALA A 273 33.89 5.48 7.39
C ALA A 273 33.08 5.37 8.68
N ASP A 274 32.31 4.27 8.82
CA ASP A 274 31.41 4.08 9.98
C ASP A 274 31.27 2.58 10.20
N PRO A 275 32.06 2.01 11.11
CA PRO A 275 31.99 0.55 11.33
C PRO A 275 30.64 0.06 11.80
N VAL A 276 29.91 0.87 12.58
CA VAL A 276 28.59 0.44 13.05
C VAL A 276 27.65 0.24 11.86
N LYS A 277 27.56 1.24 10.97
CA LYS A 277 26.72 1.08 9.78
C LYS A 277 27.24 -0.03 8.88
N ALA A 278 28.56 -0.15 8.75
CA ALA A 278 29.11 -1.22 7.91
C ALA A 278 28.68 -2.59 8.43
N TYR A 279 28.82 -2.79 9.75
CA TYR A 279 28.48 -4.07 10.34
C TYR A 279 27.00 -4.36 10.15
N ALA A 280 26.16 -3.33 10.33
CA ALA A 280 24.72 -3.49 10.18
C ALA A 280 24.32 -3.88 8.77
N TRP A 281 24.96 -3.27 7.76
CA TRP A 281 24.67 -3.67 6.39
C TRP A 281 25.16 -5.08 6.08
N PHE A 282 26.36 -5.46 6.59
CA PHE A 282 26.81 -6.83 6.37
C PHE A 282 25.84 -7.79 7.06
N THR A 283 25.30 -7.39 8.21
CA THR A 283 24.39 -8.29 8.89
C THR A 283 23.12 -8.49 8.08
N ALA A 284 22.54 -7.40 7.61
CA ALA A 284 21.38 -7.54 6.74
C ALA A 284 21.69 -8.38 5.51
N ALA A 285 22.85 -8.13 4.87
CA ALA A 285 23.21 -8.93 3.69
C ALA A 285 23.28 -10.42 4.01
N LYS A 286 23.96 -10.77 5.08
CA LYS A 286 24.02 -12.17 5.53
C LYS A 286 22.62 -12.73 5.77
N ASN A 287 21.79 -11.96 6.51
CA ASN A 287 20.41 -12.38 6.77
C ASN A 287 19.64 -12.56 5.47
N ASN A 288 20.02 -11.84 4.41
CA ASN A 288 19.36 -11.99 3.13
C ASN A 288 20.07 -12.96 2.18
N GLY A 289 20.93 -13.82 2.68
CA GLY A 289 21.44 -14.88 1.85
C GLY A 289 22.77 -14.61 1.18
N PHE A 290 23.40 -13.46 1.46
CA PHE A 290 24.70 -13.16 0.85
C PHE A 290 25.79 -13.70 1.77
N GLU A 291 26.28 -14.91 1.46
CA GLU A 291 27.12 -15.65 2.42
C GLU A 291 28.42 -14.92 2.72
N LYS A 292 29.07 -14.35 1.70
CA LYS A 292 30.34 -13.66 1.95
C LYS A 292 30.19 -12.52 2.96
N ALA A 293 28.97 -11.99 3.16
CA ALA A 293 28.80 -10.93 4.15
C ALA A 293 29.09 -11.40 5.56
N ALA A 294 28.85 -12.70 5.86
CA ALA A 294 29.02 -13.14 7.22
C ALA A 294 30.47 -12.93 7.68
N SER A 295 31.43 -13.35 6.86
CA SER A 295 32.81 -13.10 7.26
C SER A 295 33.14 -11.62 7.25
N ASN A 296 32.53 -10.85 6.34
CA ASN A 296 32.78 -9.41 6.40
C ASN A 296 32.39 -8.86 7.76
N ALA A 297 31.23 -9.31 8.28
CA ALA A 297 30.80 -8.91 9.61
C ALA A 297 31.77 -9.43 10.67
N SER A 298 32.16 -10.71 10.55
CA SER A 298 33.08 -11.30 11.52
C SER A 298 34.32 -10.44 11.66
N ASP A 299 34.99 -10.18 10.53
CA ASP A 299 36.25 -9.46 10.55
C ASP A 299 36.11 -8.10 11.21
N LEU A 300 34.94 -7.46 11.10
CA LEU A 300 34.80 -6.15 11.71
C LEU A 300 34.72 -6.23 13.22
N GLU A 301 34.13 -7.30 13.74
CA GLU A 301 33.96 -7.42 15.19
C GLU A 301 35.27 -7.17 15.91
N LYS A 302 36.36 -7.75 15.39
CA LYS A 302 37.66 -7.67 16.04
C LYS A 302 38.02 -6.26 16.46
N SER A 303 37.56 -5.23 15.73
CA SER A 303 38.00 -3.87 15.99
C SER A 303 36.93 -2.98 16.59
N MET A 304 35.79 -3.55 16.97
CA MET A 304 34.66 -2.78 17.50
C MET A 304 34.51 -3.06 18.99
N ASN A 305 34.37 -2.01 19.79
CA ASN A 305 34.16 -2.15 21.22
C ASN A 305 32.73 -2.60 21.49
N PRO A 306 32.46 -3.08 22.71
CA PRO A 306 31.18 -3.76 22.93
C PRO A 306 29.95 -2.88 22.78
N GLU A 307 30.01 -1.59 23.15
CA GLU A 307 28.86 -0.71 22.94
C GLU A 307 28.55 -0.59 21.46
N ASP A 308 29.58 -0.34 20.64
CA ASP A 308 29.41 -0.23 19.19
C ASP A 308 28.90 -1.52 18.59
N LEU A 309 29.44 -2.67 19.03
CA LEU A 309 28.98 -3.93 18.49
C LEU A 309 27.51 -4.15 18.81
N SER A 310 27.09 -3.82 20.04
CA SER A 310 25.68 -3.94 20.39
C SER A 310 24.82 -3.07 19.49
N LYS A 311 25.20 -1.81 19.33
CA LYS A 311 24.41 -0.90 18.52
C LYS A 311 24.35 -1.40 17.07
N ALA A 312 25.48 -1.89 16.57
CA ALA A 312 25.56 -2.42 15.22
C ALA A 312 24.67 -3.64 15.04
N ARG A 313 24.58 -4.51 16.05
CA ARG A 313 23.74 -5.70 15.88
C ARG A 313 22.27 -5.33 15.89
N ILE A 314 21.90 -4.34 16.72
CA ILE A 314 20.52 -3.85 16.70
C ILE A 314 20.20 -3.16 15.38
N LEU A 315 21.13 -2.35 14.87
CA LEU A 315 20.88 -1.68 13.59
C LEU A 315 20.79 -2.70 12.46
N GLY A 316 21.63 -3.73 12.53
CA GLY A 316 21.59 -4.81 11.56
C GLY A 316 20.23 -5.49 11.56
N GLN A 317 19.65 -5.68 12.74
CA GLN A 317 18.28 -6.23 12.76
C GLN A 317 17.28 -5.24 12.14
N GLN A 318 17.44 -3.95 12.43
CA GLN A 318 16.55 -2.95 11.87
C GLN A 318 16.62 -2.98 10.34
N TYR A 319 17.83 -3.04 9.81
CA TYR A 319 17.99 -3.09 8.35
C TYR A 319 17.40 -4.36 7.77
N THR A 320 17.57 -5.49 8.45
CA THR A 320 16.97 -6.73 7.99
C THR A 320 15.45 -6.61 7.92
N ASP A 321 14.85 -6.02 8.96
CA ASP A 321 13.39 -5.94 9.00
C ASP A 321 12.80 -4.97 7.99
N ASN A 322 13.42 -3.81 7.81
CA ASN A 322 12.74 -2.69 7.15
C ASN A 322 12.99 -2.66 5.63
N TYR A 323 13.94 -3.43 5.12
CA TYR A 323 14.31 -3.41 3.69
C TYR A 323 13.99 -4.73 3.01
N LYS A 324 12.92 -4.75 2.23
CA LYS A 324 12.45 -5.96 1.56
C LYS A 324 12.26 -5.71 0.07
N ALA A 325 12.32 -6.81 -0.70
CA ALA A 325 12.03 -6.77 -2.14
C ALA A 325 10.67 -6.17 -2.48
N MET B 1 34.55 -6.84 -18.13
CA MET B 1 35.71 -6.74 -17.25
C MET B 1 35.39 -6.74 -15.78
N HIS B 2 34.09 -6.56 -15.48
CA HIS B 2 33.57 -6.56 -14.11
C HIS B 2 32.06 -6.51 -14.31
N HIS B 3 31.63 -6.45 -15.56
CA HIS B 3 30.19 -6.46 -15.79
C HIS B 3 29.55 -7.81 -15.55
N HIS B 4 30.32 -8.88 -15.32
CA HIS B 4 29.71 -10.14 -14.86
C HIS B 4 29.01 -10.01 -13.51
N HIS B 5 29.24 -8.92 -12.75
CA HIS B 5 28.45 -8.64 -11.56
C HIS B 5 27.23 -7.79 -11.87
N HIS B 6 26.91 -7.58 -13.13
CA HIS B 6 25.77 -6.74 -13.49
C HIS B 6 24.61 -7.57 -14.04
N HIS B 7 24.67 -8.90 -13.91
CA HIS B 7 23.55 -9.73 -14.38
C HIS B 7 22.27 -9.50 -13.58
N SER B 8 21.14 -9.74 -14.23
CA SER B 8 19.85 -9.74 -13.55
C SER B 8 19.69 -11.01 -12.69
N SER B 9 18.73 -10.97 -11.76
CA SER B 9 18.58 -12.08 -10.81
C SER B 9 17.23 -12.05 -10.10
N GLY B 10 16.65 -13.25 -9.88
CA GLY B 10 15.53 -13.55 -9.00
C GLY B 10 14.45 -12.54 -8.63
N VAL B 11 14.12 -11.61 -9.52
CA VAL B 11 13.03 -10.66 -9.30
C VAL B 11 12.79 -9.89 -10.59
N ASP B 12 13.87 -9.42 -11.21
CA ASP B 12 13.79 -8.89 -12.57
C ASP B 12 14.48 -9.82 -13.58
N LEU B 13 13.97 -11.07 -13.67
CA LEU B 13 14.51 -12.08 -14.57
C LEU B 13 13.45 -13.14 -14.85
N GLY B 14 13.21 -13.43 -16.15
CA GLY B 14 12.26 -14.45 -16.61
C GLY B 14 11.09 -14.01 -17.50
N THR B 15 10.59 -14.93 -18.33
CA THR B 15 9.49 -14.66 -19.27
C THR B 15 8.22 -14.11 -18.59
N GLU B 16 7.58 -13.12 -19.21
CA GLU B 16 6.42 -12.44 -18.62
C GLU B 16 5.10 -12.92 -19.21
N ASN B 17 4.07 -13.06 -18.36
CA ASN B 17 2.79 -13.59 -18.82
C ASN B 17 1.71 -12.52 -19.03
N LEU B 18 1.85 -11.34 -18.45
CA LEU B 18 0.92 -10.26 -18.78
C LEU B 18 1.62 -8.91 -18.66
N TYR B 19 0.96 -7.90 -19.19
CA TYR B 19 1.41 -6.54 -19.23
C TYR B 19 0.35 -5.62 -18.58
N PHE B 20 0.60 -5.25 -17.33
CA PHE B 20 -0.37 -4.46 -16.56
C PHE B 20 -0.40 -2.94 -16.63
N GLN B 21 0.20 -2.35 -17.65
CA GLN B 21 0.18 -0.88 -17.74
C GLN B 21 -0.91 -0.32 -18.67
N SER B 22 -1.38 -1.21 -19.52
CA SER B 22 -2.44 -0.92 -20.44
C SER B 22 -3.73 -0.46 -19.67
N ASN B 23 -4.05 -1.13 -18.57
CA ASN B 23 -5.20 -0.84 -17.71
C ASN B 23 -5.61 0.60 -17.55
N ALA B 24 -4.77 1.37 -16.88
CA ALA B 24 -4.98 2.77 -16.62
C ALA B 24 -5.25 3.57 -17.87
N GLU B 25 -4.52 3.29 -18.93
CA GLU B 25 -4.74 3.94 -20.17
C GLU B 25 -6.10 3.53 -20.65
N LYS B 26 -6.39 2.23 -20.58
CA LYS B 26 -7.67 1.75 -21.03
C LYS B 26 -8.79 2.37 -20.23
N THR B 27 -8.61 2.44 -18.93
CA THR B 27 -9.58 3.03 -18.05
C THR B 27 -9.88 4.45 -18.50
N GLU B 28 -8.86 5.27 -18.67
CA GLU B 28 -9.08 6.63 -19.10
C GLU B 28 -9.79 6.64 -20.44
N GLN B 29 -9.28 5.84 -21.39
CA GLN B 29 -9.85 5.80 -22.72
C GLN B 29 -11.33 5.57 -22.67
N LEU B 30 -11.77 4.62 -21.83
CA LEU B 30 -13.20 4.30 -21.79
C LEU B 30 -13.97 5.49 -21.22
N LEU B 31 -13.51 6.03 -20.09
CA LEU B 31 -14.28 7.09 -19.44
C LEU B 31 -14.36 8.32 -20.32
N LEU B 32 -13.21 8.71 -20.90
CA LEU B 32 -13.22 9.80 -21.87
C LEU B 32 -14.28 9.56 -22.92
N ALA B 33 -14.33 8.33 -23.45
CA ALA B 33 -15.27 8.01 -24.53
C ALA B 33 -16.67 8.46 -24.16
N SER B 34 -17.08 8.16 -22.91
CA SER B 34 -18.43 8.50 -22.48
C SER B 34 -18.50 9.95 -22.01
N ALA B 35 -17.42 10.45 -21.42
CA ALA B 35 -17.43 11.81 -20.89
C ALA B 35 -17.69 12.83 -21.99
N ASN B 36 -17.05 12.66 -23.14
CA ASN B 36 -17.28 13.58 -24.24
C ASN B 36 -18.65 13.37 -24.88
N GLN B 37 -19.23 12.17 -24.74
CA GLN B 37 -20.62 11.97 -25.10
C GLN B 37 -21.55 12.75 -24.18
N GLY B 38 -21.04 13.22 -23.05
CA GLY B 38 -21.81 14.02 -22.12
C GLY B 38 -22.37 13.28 -20.91
N ASN B 39 -22.12 11.96 -20.78
CA ASN B 39 -22.60 11.26 -19.60
C ASN B 39 -22.00 11.89 -18.35
N VAL B 40 -22.87 12.35 -17.44
CA VAL B 40 -22.39 13.06 -16.26
C VAL B 40 -21.68 12.09 -15.31
N ASP B 41 -22.23 10.87 -15.16
CA ASP B 41 -21.56 9.88 -14.30
C ASP B 41 -20.16 9.58 -14.81
N ALA B 42 -19.99 9.49 -16.12
CA ALA B 42 -18.67 9.23 -16.68
C ALA B 42 -17.75 10.41 -16.40
N GLN B 43 -18.28 11.63 -16.46
CA GLN B 43 -17.50 12.80 -16.14
C GLN B 43 -17.00 12.75 -14.69
N VAL B 44 -17.89 12.38 -13.77
CA VAL B 44 -17.52 12.30 -12.36
C VAL B 44 -16.45 11.24 -12.14
N LEU B 45 -16.66 10.05 -12.69
CA LEU B 45 -15.67 8.99 -12.57
C LEU B 45 -14.34 9.42 -13.17
N LEU B 46 -14.37 10.09 -14.32
CA LEU B 46 -13.12 10.49 -14.96
C LEU B 46 -12.39 11.54 -14.14
N ALA B 47 -13.13 12.51 -13.60
CA ALA B 47 -12.57 13.46 -12.63
C ALA B 47 -11.84 12.74 -11.51
N GLY B 48 -12.50 11.76 -10.89
CA GLY B 48 -11.85 10.99 -9.85
C GLY B 48 -10.62 10.26 -10.34
N PHE B 49 -10.71 9.68 -11.54
CA PHE B 49 -9.56 8.99 -12.11
C PHE B 49 -8.36 9.92 -12.23
N TYR B 50 -8.60 11.15 -12.69
CA TYR B 50 -7.52 12.13 -12.79
C TYR B 50 -7.01 12.55 -11.41
N TRP B 51 -7.92 12.69 -10.44
CA TRP B 51 -7.50 13.02 -9.08
C TRP B 51 -6.54 11.95 -8.53
N TYR B 52 -6.81 10.68 -8.81
CA TYR B 52 -5.92 9.62 -8.34
C TYR B 52 -4.54 9.74 -8.95
N LEU B 53 -4.42 10.43 -10.08
CA LEU B 53 -3.11 10.83 -10.60
C LEU B 53 -2.61 12.01 -9.77
N ASN B 54 -1.77 11.72 -8.79
CA ASN B 54 -1.22 12.77 -7.94
C ASN B 54 -0.25 13.62 -8.74
N THR B 55 -0.75 14.36 -9.75
CA THR B 55 0.09 15.19 -10.61
C THR B 55 -0.62 16.50 -10.89
N PRO B 56 0.14 17.57 -11.16
CA PRO B 56 -0.51 18.88 -11.45
C PRO B 56 -1.38 18.86 -12.70
N GLU B 57 -0.96 18.14 -13.75
CA GLU B 57 -1.87 17.97 -14.89
C GLU B 57 -3.08 17.14 -14.49
N GLY B 58 -2.87 16.13 -13.64
CA GLY B 58 -3.99 15.36 -13.12
C GLY B 58 -5.03 16.23 -12.41
N TYR B 59 -4.56 17.13 -11.54
CA TYR B 59 -5.50 17.97 -10.82
C TYR B 59 -6.15 19.00 -11.73
N LYS B 60 -5.42 19.51 -12.72
CA LYS B 60 -6.04 20.37 -13.72
C LYS B 60 -7.22 19.66 -14.37
N LYS B 61 -6.98 18.48 -14.93
CA LYS B 61 -8.05 17.77 -15.62
C LYS B 61 -9.20 17.41 -14.67
N ALA B 62 -8.85 16.98 -13.45
CA ALA B 62 -9.89 16.69 -12.45
C ALA B 62 -10.77 17.89 -12.26
N PHE B 63 -10.17 19.07 -12.11
CA PHE B 63 -10.95 20.29 -11.97
C PHE B 63 -11.85 20.50 -13.19
N GLU B 64 -11.26 20.41 -14.39
CA GLU B 64 -12.02 20.57 -15.65
C GLU B 64 -13.28 19.72 -15.64
N TRP B 65 -13.11 18.43 -15.33
CA TRP B 65 -14.24 17.51 -15.47
C TRP B 65 -15.22 17.61 -14.32
N TYR B 66 -14.76 17.85 -13.08
CA TYR B 66 -15.72 18.19 -12.04
C TYR B 66 -16.52 19.42 -12.43
N GLN B 67 -15.86 20.42 -13.02
CA GLN B 67 -16.57 21.61 -13.50
C GLN B 67 -17.63 21.23 -14.52
N LYS B 68 -17.26 20.40 -15.51
CA LYS B 68 -18.23 20.04 -16.53
C LYS B 68 -19.42 19.30 -15.93
N ALA B 69 -19.15 18.42 -14.96
CA ALA B 69 -20.23 17.73 -14.26
C ALA B 69 -21.06 18.69 -13.42
N ALA B 70 -20.41 19.64 -12.74
CA ALA B 70 -21.15 20.59 -11.92
C ALA B 70 -22.08 21.45 -12.77
N ASP B 71 -21.60 21.87 -13.95
CA ASP B 71 -22.43 22.62 -14.90
C ASP B 71 -23.79 21.97 -15.10
N GLN B 72 -23.80 20.63 -15.28
CA GLN B 72 -25.06 19.90 -15.42
C GLN B 72 -25.85 19.78 -14.12
N ASN B 73 -25.46 20.47 -13.05
CA ASN B 73 -26.19 20.43 -11.78
C ASN B 73 -26.01 19.08 -11.06
N ASN B 74 -24.87 18.42 -11.25
CA ASN B 74 -24.66 17.12 -10.62
C ASN B 74 -24.08 17.28 -9.22
N ALA B 75 -24.79 16.74 -8.21
CA ALA B 75 -24.35 16.85 -6.81
C ALA B 75 -22.91 16.39 -6.61
N ASP B 76 -22.50 15.30 -7.28
CA ASP B 76 -21.15 14.76 -7.11
C ASP B 76 -20.11 15.68 -7.74
N GLY B 77 -20.40 16.25 -8.91
CA GLY B 77 -19.51 17.26 -9.47
C GLY B 77 -19.43 18.49 -8.58
N GLN B 78 -20.56 18.89 -8.01
CA GLN B 78 -20.56 20.06 -7.12
C GLN B 78 -19.70 19.82 -5.89
N TYR B 79 -19.82 18.64 -5.29
CA TYR B 79 -19.03 18.34 -4.11
C TYR B 79 -17.54 18.27 -4.47
N GLY B 80 -17.21 17.71 -5.62
CA GLY B 80 -15.82 17.67 -6.03
C GLY B 80 -15.26 19.05 -6.28
N LEU B 81 -16.06 19.92 -6.89
CA LEU B 81 -15.61 21.29 -7.08
C LEU B 81 -15.39 21.98 -5.75
N GLY B 82 -16.39 21.92 -4.87
CA GLY B 82 -16.21 22.47 -3.52
C GLY B 82 -14.92 22.01 -2.89
N TYR B 83 -14.61 20.71 -3.04
CA TYR B 83 -13.37 20.21 -2.45
C TYR B 83 -12.15 20.82 -3.12
N MET B 84 -12.16 20.91 -4.46
CA MET B 84 -11.02 21.48 -5.17
C MET B 84 -10.76 22.90 -4.71
N TYR B 85 -11.82 23.70 -4.60
CA TYR B 85 -11.65 25.08 -4.15
C TYR B 85 -11.22 25.13 -2.69
N ASP B 86 -11.81 24.29 -1.86
CA ASP B 86 -11.51 24.36 -0.45
C ASP B 86 -10.05 24.01 -0.19
N THR B 87 -9.49 23.15 -1.02
CA THR B 87 -8.14 22.68 -0.83
C THR B 87 -7.12 23.46 -1.66
N GLY B 88 -7.57 24.23 -2.65
CA GLY B 88 -6.66 24.81 -3.61
C GLY B 88 -6.01 23.81 -4.56
N THR B 89 -6.72 22.73 -4.89
CA THR B 89 -6.18 21.69 -5.78
C THR B 89 -6.62 22.00 -7.20
N GLY B 90 -5.63 22.20 -8.08
CA GLY B 90 -5.90 22.51 -9.48
C GLY B 90 -6.56 23.85 -9.72
N VAL B 91 -6.62 24.71 -8.71
CA VAL B 91 -7.30 26.00 -8.76
C VAL B 91 -6.83 26.77 -7.53
N PRO B 92 -6.82 28.11 -7.53
CA PRO B 92 -6.42 28.83 -6.30
C PRO B 92 -7.45 28.65 -5.18
N GLN B 93 -6.94 28.42 -3.95
CA GLN B 93 -7.79 28.17 -2.78
C GLN B 93 -8.82 29.27 -2.60
N ASN B 94 -10.06 28.89 -2.30
CA ASN B 94 -11.06 29.92 -2.02
C ASN B 94 -12.17 29.30 -1.18
N SER B 95 -12.22 29.66 0.11
CA SER B 95 -13.17 28.99 0.99
C SER B 95 -14.60 29.40 0.70
N ASP B 96 -14.82 30.65 0.25
CA ASP B 96 -16.18 31.10 -0.08
C ASP B 96 -16.74 30.35 -1.29
N THR B 97 -15.93 30.23 -2.35
CA THR B 97 -16.40 29.48 -3.51
C THR B 97 -16.66 28.01 -3.15
N ALA B 98 -15.75 27.41 -2.37
CA ALA B 98 -15.99 26.05 -1.86
C ALA B 98 -17.32 25.97 -1.12
N MET B 99 -17.58 26.91 -0.22
CA MET B 99 -18.83 26.90 0.54
C MET B 99 -20.02 26.92 -0.41
N VAL B 100 -19.94 27.72 -1.47
CA VAL B 100 -21.05 27.78 -2.41
C VAL B 100 -21.30 26.39 -3.02
N TRP B 101 -20.23 25.76 -3.51
CA TRP B 101 -20.41 24.49 -4.21
C TRP B 101 -20.86 23.37 -3.26
N TYR B 102 -20.25 23.31 -2.06
CA TYR B 102 -20.69 22.39 -1.02
C TYR B 102 -22.17 22.53 -0.74
N LYS B 103 -22.63 23.79 -0.58
CA LYS B 103 -24.03 24.01 -0.24
C LYS B 103 -24.96 23.57 -1.36
N LYS B 104 -24.58 23.83 -2.62
CA LYS B 104 -25.35 23.25 -3.72
C LYS B 104 -25.47 21.73 -3.55
N ALA B 105 -24.32 21.06 -3.39
CA ALA B 105 -24.35 19.60 -3.33
C ALA B 105 -25.16 19.11 -2.15
N ALA B 106 -25.03 19.77 -1.00
CA ALA B 106 -25.70 19.33 0.21
C ALA B 106 -27.20 19.55 0.11
N GLU B 107 -27.59 20.64 -0.55
CA GLU B 107 -29.00 20.84 -0.87
C GLU B 107 -29.54 19.64 -1.63
N GLN B 108 -28.71 19.08 -2.53
CA GLN B 108 -29.19 17.92 -3.28
C GLN B 108 -29.11 16.59 -2.50
N GLY B 109 -28.60 16.60 -1.27
CA GLY B 109 -28.57 15.41 -0.44
C GLY B 109 -27.22 14.75 -0.26
N ASN B 110 -26.13 15.39 -0.69
CA ASN B 110 -24.79 14.82 -0.56
C ASN B 110 -24.34 15.01 0.89
N SER B 111 -24.29 13.93 1.67
CA SER B 111 -24.03 14.07 3.11
C SER B 111 -22.57 14.48 3.39
N ASN B 112 -21.64 14.08 2.53
CA ASN B 112 -20.24 14.50 2.69
C ASN B 112 -20.10 16.01 2.54
N ALA B 113 -20.86 16.63 1.63
CA ALA B 113 -20.77 18.07 1.49
C ALA B 113 -21.29 18.79 2.75
N ALA B 114 -22.42 18.31 3.30
CA ALA B 114 -22.90 18.81 4.57
C ALA B 114 -21.82 18.65 5.64
N LEU B 115 -21.19 17.48 5.66
CA LEU B 115 -20.14 17.23 6.64
C LEU B 115 -19.00 18.22 6.49
N ALA B 116 -18.59 18.49 5.24
CA ALA B 116 -17.46 19.39 5.00
C ALA B 116 -17.77 20.79 5.51
N ILE B 117 -19.00 21.25 5.27
CA ILE B 117 -19.42 22.56 5.75
C ILE B 117 -19.38 22.60 7.28
N GLY B 118 -20.01 21.58 7.91
CA GLY B 118 -19.97 21.48 9.35
C GLY B 118 -18.56 21.51 9.91
N TYR B 119 -17.64 20.80 9.27
CA TYR B 119 -16.29 20.74 9.78
C TYR B 119 -15.57 22.07 9.65
N ASN B 120 -15.85 22.80 8.57
CA ASN B 120 -15.24 24.11 8.42
C ASN B 120 -15.75 25.10 9.47
N TYR B 121 -17.06 25.08 9.75
CA TYR B 121 -17.57 25.87 10.88
C TYR B 121 -16.98 25.40 12.21
N ASP B 122 -16.85 24.08 12.39
CA ASP B 122 -16.39 23.51 13.64
C ASP B 122 -14.96 23.94 13.94
N THR B 123 -14.13 24.03 12.91
CA THR B 123 -12.73 24.37 13.08
C THR B 123 -12.42 25.82 12.73
N GLY B 124 -13.36 26.56 12.17
CA GLY B 124 -13.09 27.91 11.71
C GLY B 124 -12.15 27.99 10.52
N THR B 125 -12.12 26.97 9.67
CA THR B 125 -11.25 26.96 8.49
C THR B 125 -11.92 27.72 7.36
N GLY B 126 -11.46 28.94 7.07
CA GLY B 126 -12.06 29.77 6.04
C GLY B 126 -13.35 30.45 6.41
N VAL B 127 -13.89 30.19 7.59
CA VAL B 127 -15.08 30.87 8.08
C VAL B 127 -14.82 31.26 9.53
N LYS B 128 -15.63 32.21 10.01
CA LYS B 128 -15.66 32.48 11.44
C LYS B 128 -16.12 31.22 12.16
N LYS B 129 -15.29 30.72 13.07
CA LYS B 129 -15.65 29.53 13.83
C LYS B 129 -17.01 29.72 14.49
N ASP B 130 -17.86 28.70 14.39
CA ASP B 130 -19.21 28.80 14.91
C ASP B 130 -19.70 27.38 15.24
N LYS B 131 -19.61 26.99 16.52
CA LYS B 131 -20.05 25.65 16.91
C LYS B 131 -21.54 25.45 16.66
N THR B 132 -22.31 26.52 16.56
CA THR B 132 -23.74 26.30 16.34
C THR B 132 -24.01 25.93 14.90
N GLN B 133 -23.37 26.62 13.97
CA GLN B 133 -23.44 26.25 12.56
C GLN B 133 -22.85 24.86 12.32
N ALA B 134 -21.69 24.57 12.93
CA ALA B 134 -21.15 23.21 12.85
C ALA B 134 -22.19 22.20 13.30
N LEU B 135 -22.82 22.45 14.45
CA LEU B 135 -23.81 21.52 14.97
C LEU B 135 -24.94 21.31 13.97
N ASN B 136 -25.42 22.39 13.34
CA ASN B 136 -26.56 22.25 12.42
C ASN B 136 -26.20 21.51 11.14
N TRP B 137 -25.01 21.79 10.57
CA TRP B 137 -24.62 21.09 9.35
C TRP B 137 -24.24 19.63 9.62
N TYR B 138 -23.56 19.35 10.75
CA TYR B 138 -23.35 17.96 11.14
C TYR B 138 -24.69 17.26 11.30
N ALA B 139 -25.69 17.93 11.86
CA ALA B 139 -26.97 17.26 12.05
C ALA B 139 -27.62 16.98 10.71
N LYS B 140 -27.46 17.90 9.76
CA LYS B 140 -27.93 17.63 8.41
C LYS B 140 -27.25 16.38 7.85
N ALA B 141 -25.92 16.35 7.90
CA ALA B 141 -25.18 15.20 7.38
C ALA B 141 -25.59 13.91 8.09
N ALA B 142 -25.84 14.01 9.40
CA ALA B 142 -26.16 12.82 10.19
C ALA B 142 -27.54 12.30 9.85
N ASP B 143 -28.49 13.20 9.57
CA ASP B 143 -29.81 12.72 9.17
C ASP B 143 -29.79 12.12 7.79
N LEU B 144 -28.89 12.58 6.93
CA LEU B 144 -28.71 11.89 5.65
C LEU B 144 -27.93 10.57 5.79
N GLY B 145 -27.56 10.16 7.01
CA GLY B 145 -26.95 8.86 7.25
C GLY B 145 -25.44 8.82 7.32
N ASN B 146 -24.75 9.96 7.36
CA ASN B 146 -23.29 10.00 7.40
C ASN B 146 -22.82 9.57 8.78
N ALA B 147 -22.08 8.46 8.86
CA ALA B 147 -21.57 7.97 10.13
C ALA B 147 -20.58 8.94 10.76
N SER B 148 -19.69 9.55 9.95
CA SER B 148 -18.73 10.47 10.53
C SER B 148 -19.43 11.65 11.18
N ALA B 149 -20.47 12.19 10.56
CA ALA B 149 -21.21 13.29 11.17
C ALA B 149 -21.89 12.86 12.48
N GLN B 150 -22.48 11.67 12.49
CA GLN B 150 -23.03 11.14 13.73
C GLN B 150 -21.95 11.03 14.81
N TYR B 151 -20.78 10.48 14.46
CA TYR B 151 -19.71 10.37 15.44
C TYR B 151 -19.32 11.74 15.98
N ASN B 152 -19.17 12.71 15.07
CA ASN B 152 -18.79 14.08 15.47
C ASN B 152 -19.80 14.68 16.43
N LEU B 153 -21.09 14.46 16.18
CA LEU B 153 -22.14 14.95 17.08
C LEU B 153 -22.03 14.29 18.45
N GLY B 154 -21.79 12.97 18.47
CA GLY B 154 -21.54 12.32 19.75
C GLY B 154 -20.41 12.99 20.50
N LEU B 155 -19.30 13.25 19.83
CA LEU B 155 -18.19 13.93 20.50
C LEU B 155 -18.64 15.27 21.07
N MET B 156 -19.36 16.05 20.26
CA MET B 156 -19.70 17.40 20.68
C MET B 156 -20.59 17.40 21.90
N TYR B 157 -21.58 16.51 21.93
CA TYR B 157 -22.46 16.45 23.09
C TYR B 157 -21.79 15.82 24.30
N GLU B 158 -20.89 14.87 24.11
CA GLU B 158 -20.30 14.35 25.35
C GLU B 158 -19.26 15.31 25.92
N GLN B 159 -18.62 16.13 25.10
CA GLN B 159 -17.65 17.09 25.60
C GLN B 159 -18.25 18.45 25.96
N GLY B 160 -19.51 18.70 25.61
CA GLY B 160 -20.11 20.01 25.74
C GLY B 160 -19.40 21.07 24.93
N ASP B 161 -19.13 20.81 23.65
CA ASP B 161 -18.38 21.71 22.77
C ASP B 161 -19.34 22.69 22.11
N GLY B 162 -19.33 23.95 22.57
CA GLY B 162 -20.26 24.95 22.07
C GLY B 162 -21.71 24.58 22.27
N VAL B 163 -21.98 23.62 23.15
CA VAL B 163 -23.31 23.12 23.44
C VAL B 163 -23.22 22.50 24.82
N PRO B 164 -24.30 22.41 25.57
CA PRO B 164 -24.21 21.84 26.92
C PRO B 164 -24.09 20.31 26.86
N LYS B 165 -23.12 19.76 27.59
CA LYS B 165 -22.99 18.31 27.74
C LYS B 165 -24.36 17.64 27.87
N ASP B 166 -24.56 16.60 27.08
CA ASP B 166 -25.78 15.80 27.13
C ASP B 166 -25.35 14.37 26.77
N TYR B 167 -25.07 13.55 27.79
CA TYR B 167 -24.52 12.23 27.53
C TYR B 167 -25.54 11.34 26.84
N GLN B 168 -26.81 11.51 27.14
CA GLN B 168 -27.83 10.70 26.49
C GLN B 168 -27.87 11.01 25.01
N LYS B 169 -27.81 12.29 24.65
CA LYS B 169 -27.84 12.62 23.22
C LYS B 169 -26.56 12.13 22.52
N ALA B 170 -25.43 12.29 23.19
CA ALA B 170 -24.18 11.75 22.64
C ALA B 170 -24.33 10.27 22.37
N ALA B 171 -24.86 9.52 23.35
CA ALA B 171 -25.03 8.07 23.17
C ALA B 171 -25.90 7.74 21.96
N GLU B 172 -26.97 8.51 21.74
CA GLU B 172 -27.86 8.26 20.60
C GLU B 172 -27.15 8.48 19.26
N TYR B 173 -26.33 9.51 19.17
CA TYR B 173 -25.57 9.69 17.93
C TYR B 173 -24.52 8.59 17.75
N PHE B 174 -23.80 8.26 18.83
CA PHE B 174 -22.80 7.21 18.71
C PHE B 174 -23.44 5.89 18.29
N GLU B 175 -24.60 5.57 18.86
CA GLU B 175 -25.28 4.32 18.52
C GLU B 175 -25.72 4.30 17.07
N LYS B 176 -26.16 5.44 16.50
CA LYS B 176 -26.46 5.42 15.06
C LYS B 176 -25.23 5.05 14.21
N ALA B 177 -24.09 5.68 14.54
CA ALA B 177 -22.88 5.35 13.78
C ALA B 177 -22.41 3.92 14.07
N ALA B 178 -22.49 3.50 15.33
CA ALA B 178 -22.10 2.14 15.72
C ALA B 178 -22.92 1.11 14.98
N ASN B 179 -24.19 1.42 14.75
CA ASN B 179 -25.01 0.47 14.00
C ASN B 179 -24.66 0.50 12.53
N GLN B 180 -23.89 1.49 12.07
CA GLN B 180 -23.30 1.37 10.75
C GLN B 180 -21.89 0.74 10.73
N GLY B 181 -21.43 0.17 11.83
CA GLY B 181 -20.09 -0.42 11.86
C GLY B 181 -18.96 0.58 12.04
N HIS B 182 -19.24 1.73 12.63
CA HIS B 182 -18.23 2.75 12.88
C HIS B 182 -17.53 2.39 14.18
N ALA B 183 -16.28 1.92 14.09
CA ALA B 183 -15.63 1.32 15.27
C ALA B 183 -15.34 2.35 16.37
N LYS B 184 -14.92 3.57 15.99
CA LYS B 184 -14.66 4.55 17.03
C LYS B 184 -15.93 4.92 17.78
N SER B 185 -17.06 5.02 17.06
CA SER B 185 -18.32 5.29 17.78
C SER B 185 -18.66 4.16 18.73
N GLN B 186 -18.41 2.91 18.34
CA GLN B 186 -18.65 1.77 19.22
C GLN B 186 -17.77 1.84 20.50
N LEU B 187 -16.50 2.20 20.30
CA LEU B 187 -15.60 2.48 21.42
C LEU B 187 -16.16 3.55 22.34
N GLU B 188 -16.56 4.70 21.80
CA GLU B 188 -17.04 5.79 22.66
C GLU B 188 -18.33 5.39 23.36
N LEU B 189 -19.22 4.69 22.65
CA LEU B 189 -20.45 4.25 23.30
C LEU B 189 -20.16 3.28 24.45
N GLY B 190 -19.24 2.35 24.22
CA GLY B 190 -18.84 1.47 25.29
C GLY B 190 -18.33 2.24 26.48
N TYR B 191 -17.54 3.29 26.23
CA TYR B 191 -16.96 4.04 27.33
C TYR B 191 -18.03 4.83 28.09
N LEU B 192 -19.03 5.36 27.37
CA LEU B 192 -20.17 5.97 28.06
C LEU B 192 -20.82 5.00 29.03
N TYR B 193 -21.03 3.75 28.60
CA TYR B 193 -21.59 2.77 29.54
C TYR B 193 -20.65 2.46 30.69
N ASP B 194 -19.37 2.25 30.38
CA ASP B 194 -18.32 1.93 31.34
C ASP B 194 -18.23 3.02 32.42
N SER B 195 -18.25 4.27 32.00
CA SER B 195 -17.91 5.33 32.95
C SER B 195 -19.09 5.74 33.80
N GLY B 196 -20.27 5.18 33.57
CA GLY B 196 -21.42 5.60 34.35
C GLY B 196 -22.00 6.95 33.94
N LYS B 197 -21.77 7.38 32.72
CA LYS B 197 -22.38 8.62 32.29
C LYS B 197 -23.83 8.44 31.82
N LEU B 198 -24.30 7.21 31.69
CA LEU B 198 -25.66 6.90 31.24
C LEU B 198 -26.38 6.10 32.30
N GLY B 199 -26.39 6.59 33.53
CA GLY B 199 -26.86 5.77 34.63
C GLY B 199 -25.70 5.07 35.33
N LYS B 200 -26.06 4.09 36.14
CA LYS B 200 -25.04 3.28 36.78
C LYS B 200 -24.11 2.73 35.71
N SER B 201 -22.81 2.65 36.02
CA SER B 201 -21.89 1.97 35.11
C SER B 201 -22.46 0.62 34.75
N ASP B 202 -22.48 0.29 33.44
CA ASP B 202 -23.01 -0.98 32.99
C ASP B 202 -21.88 -1.72 32.27
N LEU B 203 -21.20 -2.62 32.98
CA LEU B 203 -20.00 -3.28 32.43
C LEU B 203 -20.35 -4.29 31.35
N GLN B 204 -21.54 -4.90 31.42
CA GLN B 204 -21.93 -5.84 30.38
C GLN B 204 -22.08 -5.13 29.03
N LYS B 205 -22.75 -3.99 29.03
CA LYS B 205 -22.92 -3.22 27.81
C LYS B 205 -21.59 -2.63 27.32
N ALA B 206 -20.77 -2.14 28.25
CA ALA B 206 -19.49 -1.61 27.85
C ALA B 206 -18.70 -2.69 27.14
N ALA B 207 -18.61 -3.88 27.75
CA ALA B 207 -17.83 -4.96 27.16
C ALA B 207 -18.39 -5.34 25.81
N PHE B 208 -19.74 -5.35 25.66
CA PHE B 208 -20.30 -5.65 24.34
C PHE B 208 -19.78 -4.70 23.27
N TRP B 209 -19.88 -3.40 23.53
CA TRP B 209 -19.48 -2.44 22.50
C TRP B 209 -17.97 -2.44 22.29
N TYR B 210 -17.18 -2.64 23.36
CA TYR B 210 -15.75 -2.81 23.12
C TYR B 210 -15.46 -4.04 22.26
N GLN B 211 -16.17 -5.14 22.48
CA GLN B 211 -15.97 -6.33 21.66
C GLN B 211 -16.27 -6.05 20.20
N LYS B 212 -17.39 -5.36 19.93
CA LYS B 212 -17.70 -5.02 18.55
C LYS B 212 -16.61 -4.14 17.92
N SER B 213 -16.12 -3.16 18.68
CA SER B 213 -15.06 -2.29 18.16
C SER B 213 -13.74 -3.05 17.95
N ALA B 214 -13.39 -3.94 18.89
CA ALA B 214 -12.18 -4.75 18.82
C ALA B 214 -12.23 -5.69 17.63
N ASP B 215 -13.41 -6.25 17.36
CA ASP B 215 -13.57 -7.11 16.19
C ASP B 215 -13.36 -6.36 14.89
N LEU B 216 -13.60 -5.06 14.89
CA LEU B 216 -13.33 -4.22 13.74
C LEU B 216 -11.93 -3.63 13.75
N GLY B 217 -11.06 -4.09 14.63
CA GLY B 217 -9.67 -3.70 14.56
C GLY B 217 -9.26 -2.51 15.39
N ASN B 218 -10.14 -1.99 16.26
CA ASN B 218 -9.79 -0.74 16.96
C ASN B 218 -8.86 -1.09 18.13
N ALA B 219 -7.62 -0.55 18.13
CA ALA B 219 -6.64 -0.96 19.13
C ALA B 219 -7.05 -0.53 20.55
N ASN B 220 -7.59 0.69 20.70
CA ASN B 220 -8.12 1.18 21.98
C ASN B 220 -9.15 0.20 22.55
N ALA B 221 -10.10 -0.23 21.71
CA ALA B 221 -11.10 -1.18 22.16
C ALA B 221 -10.48 -2.52 22.54
N GLN B 222 -9.52 -3.02 21.75
CA GLN B 222 -8.86 -4.28 22.07
C GLN B 222 -8.20 -4.19 23.44
N PHE B 223 -7.52 -3.08 23.72
CA PHE B 223 -6.91 -2.88 25.04
C PHE B 223 -7.98 -2.87 26.13
N ASN B 224 -9.09 -2.17 25.89
CA ASN B 224 -10.09 -2.07 26.95
C ASN B 224 -10.69 -3.44 27.21
N LEU B 225 -10.98 -4.20 26.15
CA LEU B 225 -11.55 -5.51 26.32
C LEU B 225 -10.58 -6.45 27.04
N ALA B 226 -9.29 -6.40 26.66
CA ALA B 226 -8.28 -7.19 27.35
C ALA B 226 -8.33 -6.89 28.84
N ASP B 227 -8.38 -5.61 29.19
CA ASP B 227 -8.39 -5.22 30.59
C ASP B 227 -9.64 -5.78 31.28
N MET B 228 -10.76 -5.78 30.57
CA MET B 228 -11.99 -6.27 31.21
C MET B 228 -11.91 -7.77 31.43
N TYR B 229 -11.24 -8.52 30.53
CA TYR B 229 -11.05 -9.93 30.75
C TYR B 229 -10.09 -10.20 31.90
N PHE B 230 -9.13 -9.30 32.12
CA PHE B 230 -8.20 -9.48 33.23
C PHE B 230 -8.95 -9.41 34.55
N TYR B 231 -9.84 -8.45 34.67
CA TYR B 231 -10.55 -8.31 35.97
C TYR B 231 -11.82 -9.14 36.08
N GLY B 232 -12.37 -9.57 34.95
CA GLY B 232 -13.71 -10.14 34.94
C GLY B 232 -14.79 -9.10 35.07
N ASP B 233 -14.57 -7.94 34.46
CA ASP B 233 -15.56 -6.87 34.41
C ASP B 233 -16.50 -7.10 33.22
N GLY B 234 -17.77 -7.38 33.50
CA GLY B 234 -18.76 -7.44 32.42
C GLY B 234 -18.64 -8.70 31.60
N VAL B 235 -17.46 -9.28 31.55
CA VAL B 235 -17.19 -10.60 30.96
C VAL B 235 -16.63 -11.47 32.08
N GLY B 236 -16.66 -12.78 31.87
CA GLY B 236 -16.02 -13.69 32.78
C GLY B 236 -14.51 -13.49 32.74
N LYS B 237 -13.87 -13.51 33.92
CA LYS B 237 -12.41 -13.34 33.95
C LYS B 237 -11.73 -14.42 33.10
N SER B 238 -10.74 -14.02 32.29
CA SER B 238 -10.02 -14.99 31.48
C SER B 238 -8.66 -14.40 31.15
N LEU B 239 -7.60 -14.90 31.77
CA LEU B 239 -6.27 -14.41 31.41
C LEU B 239 -5.91 -14.79 29.99
N GLU B 240 -6.38 -15.93 29.51
CA GLU B 240 -6.11 -16.31 28.13
C GLU B 240 -6.69 -15.30 27.15
N GLN B 241 -7.95 -14.89 27.37
CA GLN B 241 -8.56 -13.87 26.51
C GLN B 241 -7.91 -12.51 26.69
N SER B 242 -7.52 -12.16 27.93
CA SER B 242 -6.81 -10.91 28.15
C SER B 242 -5.55 -10.86 27.29
N VAL B 243 -4.73 -11.93 27.34
CA VAL B 243 -3.50 -11.97 26.56
C VAL B 243 -3.81 -11.87 25.08
N TYR B 244 -4.84 -12.61 24.63
CA TYR B 244 -5.17 -12.61 23.21
C TYR B 244 -5.43 -11.19 22.71
N TRP B 245 -6.31 -10.44 23.42
CA TRP B 245 -6.64 -9.11 22.92
C TRP B 245 -5.52 -8.10 23.17
N MET B 246 -4.76 -8.29 24.23
CA MET B 246 -3.62 -7.40 24.44
C MET B 246 -2.60 -7.56 23.33
N GLN B 247 -2.37 -8.81 22.93
CA GLN B 247 -1.46 -9.12 21.81
C GLN B 247 -1.98 -8.53 20.51
N LYS B 248 -3.30 -8.59 20.28
CA LYS B 248 -3.82 -7.93 19.07
C LYS B 248 -3.50 -6.43 19.06
N ALA B 249 -3.78 -5.74 20.17
CA ALA B 249 -3.50 -4.33 20.25
C ALA B 249 -2.00 -4.04 20.13
N ALA B 250 -1.16 -4.86 20.79
CA ALA B 250 0.27 -4.64 20.74
C ALA B 250 0.80 -4.81 19.32
N GLU B 251 0.29 -5.81 18.61
CA GLU B 251 0.75 -6.09 17.23
C GLU B 251 0.33 -5.01 16.25
N GLN B 252 -0.60 -4.13 16.65
CA GLN B 252 -0.83 -2.92 15.86
C GLN B 252 -0.01 -1.73 16.30
N GLY B 253 1.02 -1.91 17.12
CA GLY B 253 1.82 -0.76 17.51
C GLY B 253 1.20 0.16 18.54
N TYR B 254 0.19 -0.29 19.27
CA TYR B 254 -0.43 0.55 20.29
C TYR B 254 0.46 0.53 21.54
N GLY B 255 1.14 1.65 21.81
CA GLY B 255 2.22 1.63 22.81
C GLY B 255 1.74 1.22 24.19
N LYS B 256 0.57 1.71 24.61
CA LYS B 256 0.04 1.38 25.93
C LYS B 256 -0.20 -0.13 26.04
N ALA B 257 -0.67 -0.75 24.96
CA ALA B 257 -0.84 -2.19 25.00
C ALA B 257 0.49 -2.93 24.93
N GLN B 258 1.47 -2.40 24.20
CA GLN B 258 2.77 -3.07 24.23
C GLN B 258 3.37 -3.03 25.63
N ASN B 259 3.26 -1.90 26.32
CA ASN B 259 3.76 -1.81 27.69
C ASN B 259 3.05 -2.82 28.58
N GLN B 260 1.72 -2.90 28.46
CA GLN B 260 0.98 -3.83 29.33
C GLN B 260 1.35 -5.28 29.03
N LEU B 261 1.54 -5.62 27.75
CA LEU B 261 1.98 -6.96 27.42
C LEU B 261 3.38 -7.24 27.97
N GLY B 262 4.25 -6.23 27.99
CA GLY B 262 5.52 -6.40 28.68
C GLY B 262 5.33 -6.76 30.16
N ILE B 263 4.40 -6.10 30.84
CA ILE B 263 4.08 -6.49 32.24
C ILE B 263 3.59 -7.94 32.29
N TYR B 264 2.73 -8.33 31.36
CA TYR B 264 2.23 -9.71 31.36
C TYR B 264 3.35 -10.72 31.21
N TYR B 265 4.29 -10.47 30.29
CA TYR B 265 5.38 -11.41 30.13
C TYR B 265 6.33 -11.35 31.31
N ARG B 266 6.52 -10.17 31.89
CA ARG B 266 7.40 -10.08 33.05
C ARG B 266 6.85 -10.92 34.20
N ASP B 267 5.55 -10.80 34.43
CA ASP B 267 4.98 -11.32 35.66
C ASP B 267 4.29 -12.68 35.46
N GLY B 268 4.29 -13.20 34.24
CA GLY B 268 3.63 -14.47 34.01
C GLY B 268 2.10 -14.42 34.01
N ILE B 269 1.51 -13.37 33.43
CA ILE B 269 0.06 -13.18 33.45
C ILE B 269 -0.52 -13.80 32.18
N GLY B 270 -1.22 -14.93 32.29
CA GLY B 270 -1.72 -15.58 31.07
C GLY B 270 -0.65 -16.17 30.16
N VAL B 271 0.63 -16.03 30.52
CA VAL B 271 1.73 -16.57 29.73
C VAL B 271 2.77 -17.06 30.71
N ALA B 272 3.69 -17.89 30.23
CA ALA B 272 4.83 -18.23 31.05
C ALA B 272 5.71 -17.01 31.16
N ALA B 273 6.19 -16.72 32.37
CA ALA B 273 7.08 -15.57 32.55
C ALA B 273 8.29 -15.66 31.61
N ASP B 274 8.67 -14.54 31.01
CA ASP B 274 9.75 -14.54 30.01
C ASP B 274 10.33 -13.14 29.96
N PRO B 275 11.41 -12.88 30.70
CA PRO B 275 11.91 -11.48 30.75
C PRO B 275 12.48 -11.02 29.42
N VAL B 276 12.87 -11.94 28.53
CA VAL B 276 13.36 -11.50 27.23
C VAL B 276 12.22 -10.91 26.42
N LYS B 277 11.09 -11.60 26.39
CA LYS B 277 9.91 -11.06 25.71
C LYS B 277 9.41 -9.81 26.39
N ALA B 278 9.46 -9.78 27.74
CA ALA B 278 8.99 -8.59 28.42
C ALA B 278 9.83 -7.35 28.05
N TYR B 279 11.16 -7.50 28.10
CA TYR B 279 12.04 -6.39 27.77
C TYR B 279 11.79 -5.94 26.32
N ALA B 280 11.55 -6.92 25.43
CA ALA B 280 11.32 -6.61 24.00
C ALA B 280 10.04 -5.82 23.82
N TRP B 281 8.95 -6.22 24.53
CA TRP B 281 7.75 -5.40 24.46
C TRP B 281 7.93 -4.02 25.05
N PHE B 282 8.61 -3.89 26.22
CA PHE B 282 8.81 -2.56 26.75
C PHE B 282 9.61 -1.70 25.78
N THR B 283 10.58 -2.32 25.11
CA THR B 283 11.42 -1.60 24.15
C THR B 283 10.57 -1.10 22.98
N ALA B 284 9.70 -1.94 22.47
CA ALA B 284 8.80 -1.48 21.41
C ALA B 284 7.92 -0.35 21.92
N ALA B 285 7.39 -0.50 23.15
CA ALA B 285 6.48 0.51 23.65
C ALA B 285 7.19 1.84 23.76
N LYS B 286 8.44 1.80 24.25
CA LYS B 286 9.24 3.02 24.37
C LYS B 286 9.48 3.61 22.98
N ASN B 287 9.81 2.75 22.02
CA ASN B 287 10.10 3.20 20.65
C ASN B 287 8.86 3.74 19.97
N ASN B 288 7.67 3.43 20.52
CA ASN B 288 6.41 3.95 20.00
C ASN B 288 5.84 5.04 20.88
N GLY B 289 6.66 5.64 21.73
CA GLY B 289 6.28 6.84 22.44
C GLY B 289 5.68 6.64 23.80
N PHE B 290 5.69 5.43 24.34
CA PHE B 290 5.09 5.21 25.67
C PHE B 290 6.23 5.38 26.68
N GLU B 291 6.30 6.53 27.32
CA GLU B 291 7.54 6.93 27.98
C GLU B 291 7.90 6.03 29.16
N LYS B 292 6.91 5.70 30.01
CA LYS B 292 7.19 4.90 31.19
C LYS B 292 7.85 3.58 30.84
N ALA B 293 7.67 3.08 29.60
CA ALA B 293 8.22 1.79 29.25
C ALA B 293 9.74 1.79 29.33
N ALA B 294 10.36 2.95 29.14
CA ALA B 294 11.82 2.97 29.19
C ALA B 294 12.30 2.54 30.58
N SER B 295 11.65 3.07 31.60
CA SER B 295 12.04 2.71 32.97
C SER B 295 11.64 1.26 33.27
N ASN B 296 10.50 0.79 32.71
CA ASN B 296 10.16 -0.62 32.88
C ASN B 296 11.25 -1.51 32.28
N ALA B 297 11.80 -1.10 31.12
CA ALA B 297 12.84 -1.91 30.51
C ALA B 297 14.13 -1.81 31.34
N SER B 298 14.46 -0.60 31.77
CA SER B 298 15.68 -0.39 32.56
C SER B 298 15.65 -1.21 33.83
N ASP B 299 14.54 -1.14 34.56
CA ASP B 299 14.41 -1.91 35.81
C ASP B 299 14.60 -3.39 35.57
N LEU B 300 14.14 -3.86 34.41
CA LEU B 300 14.24 -5.27 34.16
C LEU B 300 15.69 -5.68 33.84
N GLU B 301 16.47 -4.76 33.28
CA GLU B 301 17.84 -5.09 32.88
C GLU B 301 18.61 -5.68 34.03
N LYS B 302 18.48 -5.07 35.20
CA LYS B 302 19.29 -5.39 36.34
C LYS B 302 19.12 -6.83 36.78
N SER B 303 18.18 -7.57 36.18
CA SER B 303 17.93 -8.96 36.57
C SER B 303 18.06 -9.92 35.40
N MET B 304 18.72 -9.53 34.32
CA MET B 304 18.91 -10.38 33.16
C MET B 304 20.40 -10.59 32.92
N ASN B 305 20.79 -11.78 32.50
CA ASN B 305 22.21 -12.02 32.20
C ASN B 305 22.55 -11.41 30.84
N PRO B 306 23.85 -11.34 30.50
CA PRO B 306 24.24 -10.58 29.28
C PRO B 306 23.70 -11.19 28.00
N GLU B 307 23.66 -12.53 27.89
CA GLU B 307 23.18 -13.16 26.67
C GLU B 307 21.69 -12.93 26.48
N ASP B 308 20.91 -13.09 27.55
CA ASP B 308 19.47 -12.85 27.49
C ASP B 308 19.19 -11.40 27.16
N LEU B 309 19.94 -10.48 27.75
CA LEU B 309 19.74 -9.08 27.44
C LEU B 309 20.03 -8.79 25.96
N SER B 310 21.09 -9.41 25.41
CA SER B 310 21.35 -9.22 23.98
C SER B 310 20.21 -9.74 23.11
N LYS B 311 19.70 -10.95 23.45
CA LYS B 311 18.56 -11.50 22.72
C LYS B 311 17.39 -10.56 22.81
N ALA B 312 17.17 -9.98 24.00
CA ALA B 312 16.02 -9.13 24.25
C ALA B 312 16.13 -7.85 23.46
N ARG B 313 17.34 -7.31 23.28
CA ARG B 313 17.50 -6.09 22.50
C ARG B 313 17.24 -6.35 21.00
N ILE B 314 17.70 -7.50 20.50
CA ILE B 314 17.36 -7.89 19.12
C ILE B 314 15.84 -8.03 18.97
N LEU B 315 15.21 -8.75 19.91
CA LEU B 315 13.77 -8.96 19.83
C LEU B 315 13.02 -7.64 19.92
N GLY B 316 13.54 -6.70 20.73
CA GLY B 316 12.87 -5.43 20.92
C GLY B 316 12.88 -4.63 19.64
N GLN B 317 13.98 -4.72 18.90
CA GLN B 317 13.98 -4.08 17.58
C GLN B 317 13.01 -4.76 16.61
N GLN B 318 12.93 -6.09 16.65
CA GLN B 318 11.98 -6.80 15.78
C GLN B 318 10.57 -6.38 16.09
N TYR B 319 10.22 -6.31 17.38
CA TYR B 319 8.87 -5.87 17.70
C TYR B 319 8.63 -4.43 17.26
N THR B 320 9.62 -3.56 17.44
CA THR B 320 9.47 -2.19 16.98
C THR B 320 9.20 -2.16 15.47
N ASP B 321 9.97 -2.92 14.71
CA ASP B 321 9.89 -2.82 13.25
C ASP B 321 8.65 -3.50 12.68
N ASN B 322 8.23 -4.63 13.28
CA ASN B 322 7.26 -5.53 12.67
C ASN B 322 5.81 -5.20 13.03
N TYR B 323 5.56 -4.39 14.05
CA TYR B 323 4.20 -4.20 14.56
C TYR B 323 3.88 -2.72 14.44
N LYS B 324 3.24 -2.32 13.33
CA LYS B 324 3.10 -0.90 13.08
C LYS B 324 1.64 -0.48 12.96
N ALA B 325 1.41 0.79 13.30
CA ALA B 325 0.10 1.39 13.25
C ALA B 325 -0.42 1.62 11.82
#